data_6S4U
#
_entry.id   6S4U
#
_cell.length_a   125.086
_cell.length_b   125.086
_cell.length_c   137.054
_cell.angle_alpha   90.000
_cell.angle_beta   90.000
_cell.angle_gamma   120.000
#
_symmetry.space_group_name_H-M   'P 32 2 1'
#
loop_
_entity.id
_entity.type
_entity.pdbx_description
1 polymer 'Oxysterols receptor LXR-beta'
2 non-polymer 6-[4-[[3-oxidanyl-1,1-bis(oxidanylidene)-5-phenyl-2-propan-2-yl-3~{H}-1,2-thiazol-4-yl]amino]butyl]pyridine-2-sulfonamide
3 water water
#
_entity_poly.entity_id   1
_entity_poly.type   'polypeptide(L)'
_entity_poly.pdbx_seq_one_letter_code
;GVQLTAAQELMIQQLVAAQLQCNKRSFSDQPKVTPWPLGADPQSRDARQQRFAHFTELAIISVQEIVDFAKQVPGFLQLG
REDQIALLKASTIEIMLLETARRYNHETECITFLKDFTYSKDDFHRAGLQVEFINPIFEFSRAMRRLGLDDAEYALLIAI
NIFSADRPNVQEPGRVEALQQPYVEALLSYTRIKRPQDQLRFPRMLMKLVSLRTLSSVHSEQVFALRLQDKKLPPLLSEI
WDVHE
;
_entity_poly.pdbx_strand_id   A,B,C
#
loop_
_chem_comp.id
_chem_comp.type
_chem_comp.name
_chem_comp.formula
KVK non-polymer 6-[4-[[3-oxidanyl-1,1-bis(oxidanylidene)-5-phenyl-2-propan-2-yl-3~{H}-1,2-thiazol-4-yl]amino]butyl]pyridine-2-sulfonamide 'C21 H28 N4 O5 S2'
#
# COMPACT_ATOMS: atom_id res chain seq x y z
N GLN A 3 11.98 18.48 -4.44
CA GLN A 3 13.02 17.47 -4.19
C GLN A 3 12.51 16.40 -3.20
N LEU A 4 13.01 15.16 -3.34
CA LEU A 4 12.64 14.07 -2.43
C LEU A 4 13.46 14.22 -1.15
N THR A 5 12.82 13.99 0.01
CA THR A 5 13.51 14.08 1.31
C THR A 5 14.37 12.82 1.49
N ALA A 6 15.39 12.90 2.37
CA ALA A 6 16.29 11.78 2.64
C ALA A 6 15.53 10.55 3.14
N ALA A 7 14.42 10.78 3.89
CA ALA A 7 13.53 9.73 4.37
C ALA A 7 12.80 9.09 3.19
N GLN A 8 12.26 9.93 2.27
CA GLN A 8 11.57 9.49 1.05
C GLN A 8 12.49 8.64 0.18
N GLU A 9 13.73 9.12 -0.05
CA GLU A 9 14.75 8.43 -0.84
C GLU A 9 15.13 7.08 -0.26
N LEU A 10 15.41 7.01 1.05
CA LEU A 10 15.81 5.76 1.69
C LEU A 10 14.71 4.70 1.66
N MET A 11 13.44 5.15 1.85
CA MET A 11 12.25 4.29 1.81
C MET A 11 12.07 3.74 0.39
N ILE A 12 12.06 4.63 -0.64
CA ILE A 12 11.92 4.24 -2.04
C ILE A 12 12.98 3.17 -2.34
N GLN A 13 14.27 3.46 -2.07
CA GLN A 13 15.38 2.52 -2.29
C GLN A 13 15.17 1.17 -1.59
N GLN A 14 14.64 1.20 -0.34
CA GLN A 14 14.35 -0.01 0.43
C GLN A 14 13.28 -0.90 -0.21
N LEU A 15 12.15 -0.31 -0.74
CA LEU A 15 11.12 -1.07 -1.47
C LEU A 15 11.74 -1.72 -2.71
N VAL A 16 12.60 -0.97 -3.44
CA VAL A 16 13.30 -1.43 -4.65
C VAL A 16 14.25 -2.58 -4.28
N ALA A 17 15.00 -2.44 -3.16
CA ALA A 17 15.92 -3.46 -2.66
C ALA A 17 15.18 -4.72 -2.24
N ALA A 18 14.00 -4.55 -1.57
CA ALA A 18 13.15 -5.65 -1.12
C ALA A 18 12.57 -6.43 -2.31
N GLN A 19 12.33 -5.74 -3.42
CA GLN A 19 11.80 -6.36 -4.64
C GLN A 19 12.88 -7.15 -5.39
N LEU A 20 14.11 -6.61 -5.45
CA LEU A 20 15.26 -7.26 -6.12
C LEU A 20 15.64 -8.54 -5.37
N GLN A 21 15.56 -8.51 -4.02
CA GLN A 21 15.87 -9.64 -3.14
C GLN A 21 14.86 -10.78 -3.32
N CYS A 22 13.54 -10.45 -3.44
CA CYS A 22 12.48 -11.44 -3.66
C CYS A 22 12.70 -12.12 -5.01
N ASN A 23 13.04 -11.33 -6.05
CA ASN A 23 13.29 -11.77 -7.42
C ASN A 23 14.52 -12.69 -7.51
N LYS A 24 15.62 -12.34 -6.81
CA LYS A 24 16.87 -13.09 -6.77
C LYS A 24 16.73 -14.48 -6.13
N ARG A 25 16.09 -14.55 -4.95
CA ARG A 25 15.90 -15.81 -4.22
C ARG A 25 14.83 -16.72 -4.83
N SER A 26 14.02 -16.19 -5.76
CA SER A 26 12.97 -16.97 -6.44
C SER A 26 13.48 -17.69 -7.68
N PHE A 27 14.24 -16.98 -8.55
CA PHE A 27 14.84 -17.58 -9.74
C PHE A 27 15.94 -18.58 -9.33
N SER A 28 16.50 -18.41 -8.11
CA SER A 28 17.51 -19.28 -7.53
C SER A 28 16.85 -20.62 -7.18
N ASP A 29 15.59 -20.57 -6.70
CA ASP A 29 14.79 -21.73 -6.34
C ASP A 29 13.74 -22.01 -7.44
N GLN A 30 14.25 -22.19 -8.67
CA GLN A 30 13.52 -22.46 -9.91
C GLN A 30 13.54 -23.94 -10.34
N PRO A 31 14.65 -24.73 -10.19
CA PRO A 31 14.62 -26.13 -10.65
C PRO A 31 13.70 -27.06 -9.84
N LYS A 32 13.11 -26.54 -8.74
CA LYS A 32 12.21 -27.29 -7.87
C LYS A 32 10.72 -27.08 -8.21
N VAL A 33 10.42 -26.94 -9.53
CA VAL A 33 9.06 -26.75 -10.07
C VAL A 33 8.76 -27.88 -11.07
N THR A 34 7.55 -28.52 -10.96
CA THR A 34 7.07 -29.60 -11.86
C THR A 34 7.34 -29.20 -13.32
N PRO A 35 8.03 -30.02 -14.15
CA PRO A 35 8.35 -29.57 -15.52
C PRO A 35 7.16 -29.37 -16.46
N TRP A 36 7.37 -28.56 -17.52
CA TRP A 36 6.39 -28.23 -18.54
C TRP A 36 6.56 -29.18 -19.74
N PRO A 37 5.56 -30.04 -20.04
CA PRO A 37 5.69 -30.96 -21.19
C PRO A 37 5.58 -30.24 -22.53
N GLN A 43 -1.75 -34.06 -27.93
CA GLN A 43 -1.44 -34.76 -26.68
C GLN A 43 -2.28 -34.22 -25.51
N SER A 44 -3.34 -34.96 -25.15
CA SER A 44 -4.26 -34.65 -24.06
C SER A 44 -4.11 -35.67 -22.94
N ARG A 45 -4.64 -35.36 -21.72
CA ARG A 45 -4.60 -36.18 -20.50
C ARG A 45 -3.19 -36.33 -19.94
N ASP A 46 -3.04 -36.18 -18.61
CA ASP A 46 -1.78 -36.26 -17.86
C ASP A 46 -0.86 -35.05 -18.11
N ALA A 47 -0.63 -34.69 -19.40
CA ALA A 47 0.19 -33.54 -19.79
C ALA A 47 -0.49 -32.22 -19.39
N ARG A 48 -1.83 -32.13 -19.59
CA ARG A 48 -2.64 -30.96 -19.21
C ARG A 48 -2.65 -30.83 -17.68
N GLN A 49 -2.74 -31.98 -16.97
CA GLN A 49 -2.70 -32.08 -15.52
C GLN A 49 -1.36 -31.55 -15.00
N GLN A 50 -0.24 -31.97 -15.65
CA GLN A 50 1.14 -31.56 -15.33
C GLN A 50 1.35 -30.07 -15.64
N ARG A 51 0.79 -29.57 -16.76
CA ARG A 51 0.85 -28.17 -17.17
C ARG A 51 0.14 -27.26 -16.16
N PHE A 52 -1.01 -27.72 -15.63
CA PHE A 52 -1.80 -27.00 -14.63
C PHE A 52 -1.07 -27.00 -13.28
N ALA A 53 -0.44 -28.13 -12.91
CA ALA A 53 0.33 -28.26 -11.66
C ALA A 53 1.54 -27.32 -11.69
N HIS A 54 2.19 -27.19 -12.86
CA HIS A 54 3.32 -26.31 -13.10
C HIS A 54 2.90 -24.86 -12.88
N PHE A 55 1.77 -24.44 -13.50
CA PHE A 55 1.21 -23.10 -13.43
C PHE A 55 0.76 -22.69 -12.03
N THR A 56 0.14 -23.62 -11.28
CA THR A 56 -0.32 -23.38 -9.90
C THR A 56 0.85 -23.23 -8.94
N GLU A 57 1.96 -23.95 -9.20
CA GLU A 57 3.19 -23.91 -8.39
C GLU A 57 3.87 -22.55 -8.52
N LEU A 58 3.82 -21.94 -9.72
CA LEU A 58 4.39 -20.61 -10.00
C LEU A 58 3.65 -19.55 -9.19
N ALA A 59 2.31 -19.72 -9.06
CA ALA A 59 1.44 -18.84 -8.28
C ALA A 59 1.78 -18.90 -6.79
N ILE A 60 2.05 -20.13 -6.28
CA ILE A 60 2.45 -20.41 -4.90
C ILE A 60 3.75 -19.64 -4.57
N ILE A 61 4.72 -19.66 -5.50
CA ILE A 61 6.00 -18.95 -5.36
C ILE A 61 5.75 -17.45 -5.25
N SER A 62 4.83 -16.92 -6.10
CA SER A 62 4.44 -15.51 -6.10
C SER A 62 3.77 -15.08 -4.79
N VAL A 63 2.89 -15.94 -4.24
CA VAL A 63 2.22 -15.66 -2.96
C VAL A 63 3.28 -15.53 -1.85
N GLN A 64 4.22 -16.48 -1.79
CA GLN A 64 5.33 -16.49 -0.83
C GLN A 64 6.21 -15.24 -1.00
N GLU A 65 6.48 -14.83 -2.25
CA GLU A 65 7.25 -13.63 -2.61
C GLU A 65 6.57 -12.36 -2.11
N ILE A 66 5.23 -12.23 -2.35
CA ILE A 66 4.42 -11.09 -1.96
C ILE A 66 4.41 -10.95 -0.42
N VAL A 67 4.24 -12.08 0.30
CA VAL A 67 4.24 -12.13 1.77
C VAL A 67 5.59 -11.63 2.31
N ASP A 68 6.70 -12.12 1.71
CA ASP A 68 8.06 -11.74 2.10
C ASP A 68 8.36 -10.27 1.82
N PHE A 69 7.80 -9.73 0.71
CA PHE A 69 7.97 -8.34 0.32
C PHE A 69 7.21 -7.44 1.28
N ALA A 70 5.93 -7.79 1.57
CA ALA A 70 5.04 -7.05 2.48
C ALA A 70 5.70 -6.81 3.84
N LYS A 71 6.38 -7.84 4.39
CA LYS A 71 7.09 -7.79 5.68
C LYS A 71 8.19 -6.73 5.66
N GLN A 72 8.76 -6.45 4.48
CA GLN A 72 9.83 -5.46 4.28
C GLN A 72 9.30 -4.05 4.00
N VAL A 73 7.97 -3.93 3.80
CA VAL A 73 7.33 -2.63 3.54
C VAL A 73 7.13 -1.90 4.86
N PRO A 74 7.78 -0.73 5.06
CA PRO A 74 7.60 0.01 6.32
C PRO A 74 6.14 0.35 6.63
N GLY A 75 5.70 0.00 7.83
CA GLY A 75 4.34 0.24 8.28
C GLY A 75 3.44 -0.98 8.30
N PHE A 76 3.79 -2.01 7.51
CA PHE A 76 3.00 -3.25 7.44
C PHE A 76 2.98 -3.98 8.78
N LEU A 77 4.10 -3.95 9.52
CA LEU A 77 4.25 -4.60 10.83
C LEU A 77 3.52 -3.85 11.97
N GLN A 78 3.10 -2.59 11.73
CA GLN A 78 2.30 -1.78 12.65
C GLN A 78 0.84 -2.27 12.69
N LEU A 79 0.41 -3.00 11.65
CA LEU A 79 -0.94 -3.54 11.55
C LEU A 79 -1.07 -4.83 12.34
N GLY A 80 -2.30 -5.15 12.73
CA GLY A 80 -2.61 -6.40 13.43
C GLY A 80 -2.54 -7.56 12.45
N ARG A 81 -2.29 -8.77 12.96
CA ARG A 81 -2.19 -9.99 12.13
C ARG A 81 -3.44 -10.19 11.27
N GLU A 82 -4.61 -9.84 11.85
CA GLU A 82 -5.95 -9.90 11.25
C GLU A 82 -5.98 -9.11 9.93
N ASP A 83 -5.67 -7.79 10.02
CA ASP A 83 -5.65 -6.84 8.91
C ASP A 83 -4.54 -7.12 7.92
N GLN A 84 -3.39 -7.63 8.40
CA GLN A 84 -2.25 -8.02 7.57
C GLN A 84 -2.69 -9.10 6.58
N ILE A 85 -3.51 -10.07 7.05
CA ILE A 85 -4.04 -11.14 6.20
C ILE A 85 -5.07 -10.56 5.23
N ALA A 86 -6.05 -9.76 5.74
CA ALA A 86 -7.11 -9.14 4.93
C ALA A 86 -6.57 -8.34 3.74
N LEU A 87 -5.51 -7.51 3.98
CA LEU A 87 -4.87 -6.70 2.96
C LEU A 87 -4.15 -7.56 1.92
N LEU A 88 -3.31 -8.51 2.36
CA LEU A 88 -2.56 -9.42 1.50
C LEU A 88 -3.49 -10.29 0.66
N LYS A 89 -4.57 -10.81 1.27
CA LYS A 89 -5.55 -11.68 0.61
C LYS A 89 -6.14 -11.03 -0.65
N ALA A 90 -6.51 -9.74 -0.56
CA ALA A 90 -7.10 -8.99 -1.67
C ALA A 90 -6.09 -8.41 -2.67
N SER A 91 -4.88 -8.04 -2.20
CA SER A 91 -3.83 -7.45 -3.02
C SER A 91 -3.01 -8.42 -3.86
N THR A 92 -2.82 -9.67 -3.38
CA THR A 92 -1.99 -10.70 -4.02
C THR A 92 -2.16 -10.76 -5.55
N ILE A 93 -3.39 -10.98 -6.06
CA ILE A 93 -3.63 -11.09 -7.51
C ILE A 93 -3.32 -9.77 -8.24
N GLU A 94 -3.67 -8.63 -7.63
CA GLU A 94 -3.42 -7.30 -8.18
C GLU A 94 -1.92 -7.05 -8.30
N ILE A 95 -1.13 -7.50 -7.30
CA ILE A 95 0.33 -7.40 -7.31
C ILE A 95 0.88 -8.37 -8.36
N MET A 96 0.34 -9.60 -8.41
CA MET A 96 0.74 -10.63 -9.37
C MET A 96 0.62 -10.10 -10.80
N LEU A 97 -0.54 -9.49 -11.11
CA LEU A 97 -0.84 -8.91 -12.42
C LEU A 97 0.08 -7.75 -12.78
N LEU A 98 0.44 -6.90 -11.78
CA LEU A 98 1.38 -5.79 -11.98
C LEU A 98 2.74 -6.33 -12.38
N GLU A 99 3.20 -7.38 -11.67
CA GLU A 99 4.48 -8.05 -11.91
C GLU A 99 4.47 -8.79 -13.24
N THR A 100 3.30 -9.36 -13.62
CA THR A 100 3.09 -10.05 -14.90
C THR A 100 3.29 -9.06 -16.05
N ALA A 101 2.67 -7.85 -15.92
CA ALA A 101 2.76 -6.75 -16.88
C ALA A 101 4.21 -6.28 -17.04
N ARG A 102 4.99 -6.33 -15.95
CA ARG A 102 6.40 -5.96 -15.93
C ARG A 102 7.28 -6.96 -16.69
N ARG A 103 6.87 -8.23 -16.77
CA ARG A 103 7.66 -9.23 -17.51
C ARG A 103 7.05 -9.59 -18.87
N TYR A 104 6.26 -8.66 -19.47
CA TYR A 104 5.70 -8.83 -20.81
C TYR A 104 6.68 -8.23 -21.83
N ASN A 105 7.05 -9.05 -22.82
CA ASN A 105 7.96 -8.67 -23.90
C ASN A 105 7.14 -8.29 -25.14
N HIS A 106 7.32 -7.05 -25.61
CA HIS A 106 6.63 -6.49 -26.77
C HIS A 106 7.03 -7.18 -28.10
N GLU A 107 8.31 -7.52 -28.25
CA GLU A 107 8.89 -8.15 -29.43
C GLU A 107 8.39 -9.59 -29.63
N THR A 108 8.18 -10.34 -28.54
CA THR A 108 7.76 -11.74 -28.65
C THR A 108 6.31 -11.97 -28.26
N GLU A 109 5.67 -10.97 -27.63
CA GLU A 109 4.29 -11.02 -27.11
C GLU A 109 4.18 -12.17 -26.09
N CYS A 110 5.21 -12.26 -25.22
CA CYS A 110 5.38 -13.30 -24.20
C CYS A 110 5.69 -12.75 -22.82
N ILE A 111 5.18 -13.43 -21.79
CA ILE A 111 5.41 -13.12 -20.38
C ILE A 111 6.41 -14.14 -19.81
N THR A 112 7.52 -13.65 -19.24
CA THR A 112 8.56 -14.51 -18.69
C THR A 112 8.53 -14.59 -17.16
N PHE A 113 8.02 -15.72 -16.63
CA PHE A 113 8.00 -15.98 -15.19
C PHE A 113 9.34 -16.59 -14.78
N LEU A 114 9.85 -16.15 -13.62
CA LEU A 114 11.14 -16.56 -13.02
C LEU A 114 12.33 -16.17 -13.93
N LYS A 115 13.17 -17.14 -14.35
CA LYS A 115 14.33 -16.84 -15.21
C LYS A 115 14.05 -17.07 -16.70
N ASP A 116 13.75 -18.32 -17.11
CA ASP A 116 13.54 -18.64 -18.52
C ASP A 116 12.14 -19.19 -18.88
N PHE A 117 11.23 -19.33 -17.89
CA PHE A 117 9.87 -19.81 -18.18
C PHE A 117 9.09 -18.74 -18.97
N THR A 118 9.11 -18.84 -20.32
CA THR A 118 8.47 -17.90 -21.25
C THR A 118 7.12 -18.45 -21.74
N TYR A 119 6.06 -17.59 -21.69
CA TYR A 119 4.70 -17.97 -22.06
C TYR A 119 4.02 -17.00 -23.01
N SER A 120 3.37 -17.56 -24.03
CA SER A 120 2.59 -16.80 -25.02
C SER A 120 1.10 -16.96 -24.67
N LYS A 121 0.19 -16.25 -25.39
CA LYS A 121 -1.26 -16.34 -25.19
C LYS A 121 -1.75 -17.79 -25.26
N ASP A 122 -1.21 -18.57 -26.23
CA ASP A 122 -1.51 -19.98 -26.47
C ASP A 122 -1.07 -20.84 -25.29
N ASP A 123 0.15 -20.58 -24.75
CA ASP A 123 0.74 -21.28 -23.60
C ASP A 123 -0.15 -21.16 -22.36
N PHE A 124 -0.79 -19.98 -22.15
CA PHE A 124 -1.71 -19.70 -21.04
C PHE A 124 -2.98 -20.53 -21.17
N HIS A 125 -3.47 -20.71 -22.40
CA HIS A 125 -4.65 -21.51 -22.71
C HIS A 125 -4.34 -23.01 -22.54
N ARG A 126 -3.08 -23.41 -22.79
CA ARG A 126 -2.60 -24.79 -22.63
C ARG A 126 -2.51 -25.15 -21.14
N ALA A 127 -2.25 -24.15 -20.28
CA ALA A 127 -2.19 -24.27 -18.82
C ALA A 127 -3.58 -24.50 -18.21
N GLY A 128 -4.62 -24.10 -18.95
CA GLY A 128 -6.02 -24.29 -18.54
C GLY A 128 -6.76 -23.02 -18.18
N LEU A 129 -6.42 -21.89 -18.83
CA LEU A 129 -7.07 -20.61 -18.56
C LEU A 129 -8.03 -20.19 -19.67
N GLN A 130 -9.07 -19.44 -19.31
CA GLN A 130 -10.10 -18.92 -20.20
C GLN A 130 -9.56 -17.74 -21.01
N VAL A 131 -10.08 -17.57 -22.25
CA VAL A 131 -9.77 -16.42 -23.11
C VAL A 131 -10.29 -15.14 -22.42
N GLU A 132 -11.43 -15.26 -21.72
CA GLU A 132 -12.09 -14.20 -20.95
C GLU A 132 -11.15 -13.58 -19.89
N PHE A 133 -10.10 -14.33 -19.49
CA PHE A 133 -9.10 -13.89 -18.51
C PHE A 133 -7.73 -13.66 -19.15
N ILE A 134 -7.37 -14.39 -20.23
CA ILE A 134 -6.08 -14.24 -20.93
C ILE A 134 -6.01 -12.88 -21.65
N ASN A 135 -7.05 -12.52 -22.43
CA ASN A 135 -7.11 -11.26 -23.17
C ASN A 135 -6.91 -10.05 -22.25
N PRO A 136 -7.63 -9.90 -21.10
CA PRO A 136 -7.36 -8.77 -20.19
C PRO A 136 -5.92 -8.72 -19.64
N ILE A 137 -5.28 -9.89 -19.41
CA ILE A 137 -3.89 -9.96 -18.91
C ILE A 137 -2.95 -9.25 -19.88
N PHE A 138 -2.97 -9.68 -21.17
CA PHE A 138 -2.14 -9.13 -22.24
C PHE A 138 -2.56 -7.69 -22.58
N GLU A 139 -3.89 -7.39 -22.50
CA GLU A 139 -4.45 -6.05 -22.75
C GLU A 139 -3.87 -5.08 -21.72
N PHE A 140 -3.83 -5.49 -20.43
CA PHE A 140 -3.30 -4.72 -19.31
C PHE A 140 -1.78 -4.60 -19.39
N SER A 141 -1.10 -5.71 -19.80
CA SER A 141 0.36 -5.78 -19.95
C SER A 141 0.86 -4.78 -20.99
N ARG A 142 0.10 -4.61 -22.10
CA ARG A 142 0.41 -3.67 -23.18
C ARG A 142 0.13 -2.25 -22.70
N ALA A 143 -0.96 -2.06 -21.94
CA ALA A 143 -1.38 -0.78 -21.38
C ALA A 143 -0.35 -0.24 -20.39
N MET A 144 0.27 -1.15 -19.61
CA MET A 144 1.30 -0.83 -18.61
C MET A 144 2.62 -0.45 -19.27
N ARG A 145 2.94 -1.11 -20.40
CA ARG A 145 4.14 -0.88 -21.21
C ARG A 145 4.21 0.57 -21.69
N ARG A 146 3.04 1.15 -22.07
CA ARG A 146 2.89 2.52 -22.55
C ARG A 146 3.29 3.58 -21.53
N LEU A 147 3.08 3.32 -20.22
CA LEU A 147 3.46 4.24 -19.14
C LEU A 147 4.98 4.28 -18.97
N GLY A 148 5.61 3.11 -19.04
CA GLY A 148 7.05 2.97 -18.91
C GLY A 148 7.53 3.31 -17.52
N LEU A 149 7.00 2.59 -16.52
CA LEU A 149 7.34 2.80 -15.12
C LEU A 149 8.70 2.19 -14.78
N ASP A 150 9.47 2.88 -13.94
CA ASP A 150 10.75 2.35 -13.49
C ASP A 150 10.53 1.47 -12.25
N ASP A 151 11.61 0.92 -11.68
CA ASP A 151 11.56 0.05 -10.51
C ASP A 151 10.94 0.75 -9.29
N ALA A 152 11.25 2.04 -9.11
CA ALA A 152 10.74 2.86 -8.00
C ALA A 152 9.22 3.07 -8.08
N GLU A 153 8.70 3.40 -9.29
CA GLU A 153 7.27 3.63 -9.54
C GLU A 153 6.46 2.36 -9.37
N TYR A 154 7.03 1.20 -9.77
CA TYR A 154 6.38 -0.10 -9.62
C TYR A 154 6.26 -0.46 -8.14
N ALA A 155 7.38 -0.31 -7.39
CA ALA A 155 7.48 -0.59 -5.95
C ALA A 155 6.50 0.28 -5.15
N LEU A 156 6.45 1.59 -5.45
CA LEU A 156 5.53 2.52 -4.80
C LEU A 156 4.07 2.17 -5.07
N LEU A 157 3.75 1.79 -6.32
CA LEU A 157 2.40 1.39 -6.73
C LEU A 157 1.91 0.17 -5.96
N ILE A 158 2.80 -0.81 -5.73
CA ILE A 158 2.48 -2.04 -4.99
C ILE A 158 2.17 -1.71 -3.51
N ALA A 159 2.99 -0.83 -2.89
CA ALA A 159 2.80 -0.36 -1.52
C ALA A 159 1.46 0.34 -1.35
N ILE A 160 1.08 1.19 -2.34
CA ILE A 160 -0.22 1.90 -2.37
C ILE A 160 -1.35 0.87 -2.51
N ASN A 161 -1.13 -0.17 -3.34
CA ASN A 161 -2.10 -1.24 -3.55
C ASN A 161 -2.31 -2.07 -2.28
N ILE A 162 -1.22 -2.32 -1.51
CA ILE A 162 -1.27 -3.10 -0.25
C ILE A 162 -2.14 -2.38 0.79
N PHE A 163 -1.82 -1.10 1.05
CA PHE A 163 -2.51 -0.28 2.03
C PHE A 163 -3.82 0.34 1.50
N SER A 164 -4.76 -0.51 1.05
CA SER A 164 -6.08 -0.08 0.58
C SER A 164 -7.08 -0.28 1.71
N ALA A 165 -7.62 0.82 2.26
CA ALA A 165 -8.54 0.79 3.39
C ALA A 165 -9.93 0.20 3.08
N ASP A 166 -10.31 0.15 1.79
CA ASP A 166 -11.61 -0.35 1.35
C ASP A 166 -11.66 -1.89 1.12
N ARG A 167 -10.62 -2.63 1.52
CA ARG A 167 -10.58 -4.09 1.34
C ARG A 167 -11.56 -4.78 2.31
N PRO A 168 -12.13 -5.98 1.96
CA PRO A 168 -13.05 -6.64 2.90
C PRO A 168 -12.34 -7.16 4.15
N ASN A 169 -13.09 -7.21 5.28
CA ASN A 169 -12.66 -7.69 6.60
C ASN A 169 -11.52 -6.86 7.24
N VAL A 170 -11.41 -5.57 6.89
CA VAL A 170 -10.40 -4.68 7.46
C VAL A 170 -10.97 -4.04 8.72
N GLN A 171 -10.45 -4.47 9.88
CA GLN A 171 -10.87 -4.01 11.20
C GLN A 171 -10.49 -2.56 11.48
N GLU A 172 -9.29 -2.13 11.04
CA GLU A 172 -8.81 -0.76 11.28
C GLU A 172 -8.55 -0.01 9.96
N PRO A 173 -9.60 0.45 9.23
CA PRO A 173 -9.35 1.17 7.96
C PRO A 173 -8.61 2.50 8.10
N GLY A 174 -8.74 3.13 9.27
CA GLY A 174 -8.08 4.40 9.57
C GLY A 174 -6.58 4.28 9.59
N ARG A 175 -6.08 3.18 10.18
CA ARG A 175 -4.67 2.83 10.31
C ARG A 175 -4.10 2.59 8.91
N VAL A 176 -4.83 1.83 8.08
CA VAL A 176 -4.48 1.47 6.70
C VAL A 176 -4.39 2.72 5.82
N GLU A 177 -5.41 3.61 5.88
CA GLU A 177 -5.45 4.86 5.11
C GLU A 177 -4.30 5.80 5.49
N ALA A 178 -3.93 5.82 6.79
CA ALA A 178 -2.83 6.64 7.31
C ALA A 178 -1.47 6.13 6.81
N LEU A 179 -1.32 4.81 6.63
CA LEU A 179 -0.08 4.17 6.16
C LEU A 179 0.11 4.33 4.65
N GLN A 180 -1.00 4.46 3.88
CA GLN A 180 -0.96 4.63 2.43
C GLN A 180 -0.47 6.04 2.07
N GLN A 181 -0.88 7.05 2.86
CA GLN A 181 -0.55 8.48 2.68
C GLN A 181 0.96 8.76 2.37
N PRO A 182 1.97 8.29 3.15
CA PRO A 182 3.36 8.61 2.81
C PRO A 182 3.82 8.07 1.45
N TYR A 183 3.29 6.89 1.05
CA TYR A 183 3.61 6.26 -0.23
C TYR A 183 3.01 7.01 -1.41
N VAL A 184 1.78 7.52 -1.26
CA VAL A 184 1.10 8.31 -2.28
C VAL A 184 1.87 9.64 -2.43
N GLU A 185 2.29 10.24 -1.30
CA GLU A 185 3.09 11.46 -1.25
C GLU A 185 4.43 11.25 -1.96
N ALA A 186 5.05 10.06 -1.76
CA ALA A 186 6.34 9.72 -2.36
C ALA A 186 6.23 9.56 -3.88
N LEU A 187 5.21 8.81 -4.36
CA LEU A 187 4.97 8.60 -5.78
C LEU A 187 4.66 9.93 -6.48
N LEU A 188 3.82 10.78 -5.86
CA LEU A 188 3.48 12.10 -6.39
C LEU A 188 4.73 12.99 -6.53
N SER A 189 5.64 12.95 -5.53
CA SER A 189 6.88 13.71 -5.55
C SER A 189 7.86 13.17 -6.60
N TYR A 190 8.02 11.83 -6.67
CA TYR A 190 8.90 11.15 -7.62
C TYR A 190 8.50 11.47 -9.06
N THR A 191 7.19 11.45 -9.35
CA THR A 191 6.57 11.76 -10.64
C THR A 191 6.89 13.18 -11.09
N ARG A 192 6.73 14.17 -10.19
CA ARG A 192 7.02 15.59 -10.44
C ARG A 192 8.51 15.80 -10.76
N ILE A 193 9.39 15.03 -10.12
CA ILE A 193 10.84 15.11 -10.34
C ILE A 193 11.24 14.43 -11.64
N LYS A 194 10.84 13.16 -11.83
CA LYS A 194 11.16 12.36 -13.03
C LYS A 194 10.70 13.05 -14.32
N ARG A 195 9.38 13.20 -14.50
CA ARG A 195 8.81 13.84 -15.69
C ARG A 195 8.01 15.08 -15.31
N PRO A 196 8.68 16.25 -15.11
CA PRO A 196 7.93 17.47 -14.73
C PRO A 196 6.97 18.00 -15.80
N GLN A 197 7.22 17.67 -17.08
CA GLN A 197 6.39 18.09 -18.21
C GLN A 197 5.03 17.38 -18.23
N ASP A 198 5.00 16.07 -17.85
CA ASP A 198 3.78 15.27 -17.84
C ASP A 198 3.12 15.28 -16.47
N GLN A 199 2.10 16.14 -16.31
CA GLN A 199 1.34 16.29 -15.06
C GLN A 199 0.37 15.11 -14.85
N LEU A 200 -0.11 14.51 -15.95
CA LEU A 200 -1.07 13.41 -15.90
C LEU A 200 -0.44 12.02 -15.72
N ARG A 201 0.89 11.94 -15.48
CA ARG A 201 1.59 10.67 -15.26
C ARG A 201 1.06 9.99 -13.98
N PHE A 202 1.00 10.76 -12.87
CA PHE A 202 0.51 10.28 -11.58
C PHE A 202 -0.95 9.80 -11.62
N PRO A 203 -1.98 10.59 -12.06
CA PRO A 203 -3.34 10.05 -12.13
C PRO A 203 -3.48 8.80 -12.98
N ARG A 204 -2.70 8.69 -14.09
CA ARG A 204 -2.70 7.52 -14.98
C ARG A 204 -2.25 6.25 -14.27
N MET A 205 -1.30 6.36 -13.33
CA MET A 205 -0.81 5.25 -12.52
C MET A 205 -1.89 4.78 -11.55
N LEU A 206 -2.67 5.73 -10.99
CA LEU A 206 -3.76 5.42 -10.08
C LEU A 206 -4.96 4.84 -10.83
N MET A 207 -5.12 5.19 -12.14
CA MET A 207 -6.18 4.64 -13.00
C MET A 207 -5.93 3.13 -13.20
N LYS A 208 -4.67 2.70 -13.07
CA LYS A 208 -4.27 1.29 -13.20
C LYS A 208 -4.76 0.48 -12.00
N LEU A 209 -4.88 1.13 -10.82
CA LEU A 209 -5.42 0.49 -9.61
C LEU A 209 -6.92 0.25 -9.81
N VAL A 210 -7.59 1.13 -10.59
CA VAL A 210 -9.01 1.02 -10.95
C VAL A 210 -9.16 -0.25 -11.81
N SER A 211 -8.30 -0.38 -12.84
CA SER A 211 -8.27 -1.52 -13.78
C SER A 211 -8.00 -2.85 -13.08
N LEU A 212 -7.09 -2.86 -12.08
CA LEU A 212 -6.73 -4.04 -11.31
C LEU A 212 -7.88 -4.66 -10.53
N ARG A 213 -8.85 -3.81 -10.10
CA ARG A 213 -10.03 -4.26 -9.37
C ARG A 213 -10.97 -5.06 -10.28
N THR A 214 -11.12 -4.62 -11.54
CA THR A 214 -11.94 -5.30 -12.55
C THR A 214 -11.28 -6.63 -12.88
N LEU A 215 -9.94 -6.62 -13.04
CA LEU A 215 -9.11 -7.79 -13.32
C LEU A 215 -9.16 -8.80 -12.19
N SER A 216 -9.35 -8.32 -10.94
CA SER A 216 -9.47 -9.16 -9.76
C SER A 216 -10.79 -9.92 -9.81
N SER A 217 -11.87 -9.26 -10.31
CA SER A 217 -13.20 -9.85 -10.48
C SER A 217 -13.19 -10.88 -11.60
N VAL A 218 -12.42 -10.59 -12.67
CA VAL A 218 -12.25 -11.48 -13.83
C VAL A 218 -11.52 -12.75 -13.37
N HIS A 219 -10.50 -12.58 -12.49
CA HIS A 219 -9.73 -13.67 -11.89
C HIS A 219 -10.62 -14.53 -10.98
N SER A 220 -11.60 -13.90 -10.28
CA SER A 220 -12.56 -14.61 -9.43
C SER A 220 -13.47 -15.48 -10.29
N GLU A 221 -13.87 -14.96 -11.47
CA GLU A 221 -14.70 -15.66 -12.44
C GLU A 221 -13.94 -16.85 -13.04
N GLN A 222 -12.61 -16.70 -13.19
CA GLN A 222 -11.70 -17.74 -13.69
C GLN A 222 -11.62 -18.91 -12.69
N VAL A 223 -11.52 -18.59 -11.38
CA VAL A 223 -11.46 -19.59 -10.29
C VAL A 223 -12.78 -20.34 -10.19
N PHE A 224 -13.92 -19.63 -10.29
CA PHE A 224 -15.27 -20.19 -10.26
C PHE A 224 -15.48 -21.15 -11.44
N ALA A 225 -14.87 -20.82 -12.60
CA ALA A 225 -14.93 -21.63 -13.82
C ALA A 225 -14.16 -22.95 -13.66
N LEU A 226 -13.07 -22.94 -12.86
CA LEU A 226 -12.24 -24.11 -12.58
C LEU A 226 -12.97 -25.14 -11.71
N ARG A 227 -13.84 -24.67 -10.79
CA ARG A 227 -14.64 -25.51 -9.89
C ARG A 227 -15.64 -26.32 -10.73
N LEU A 228 -16.21 -25.68 -11.77
CA LEU A 228 -17.15 -26.27 -12.73
C LEU A 228 -16.41 -27.18 -13.73
N GLN A 229 -15.08 -26.98 -13.89
CA GLN A 229 -14.20 -27.75 -14.79
C GLN A 229 -13.55 -28.92 -14.02
N ASP A 230 -13.92 -29.10 -12.74
CA ASP A 230 -13.42 -30.14 -11.84
C ASP A 230 -11.87 -30.05 -11.63
N LYS A 231 -11.31 -28.84 -11.80
CA LYS A 231 -9.90 -28.57 -11.55
C LYS A 231 -9.78 -27.90 -10.17
N LYS A 232 -9.17 -28.63 -9.22
CA LYS A 232 -9.00 -28.17 -7.84
C LYS A 232 -7.70 -27.39 -7.65
N LEU A 233 -7.73 -26.38 -6.77
CA LEU A 233 -6.58 -25.53 -6.46
C LEU A 233 -5.77 -26.11 -5.29
N PRO A 234 -4.43 -25.93 -5.27
CA PRO A 234 -3.63 -26.40 -4.11
C PRO A 234 -4.06 -25.76 -2.79
N PRO A 235 -3.87 -26.44 -1.63
CA PRO A 235 -4.32 -25.87 -0.34
C PRO A 235 -3.97 -24.40 -0.07
N LEU A 236 -2.77 -23.95 -0.50
CA LEU A 236 -2.31 -22.57 -0.31
C LEU A 236 -3.17 -21.57 -1.09
N LEU A 237 -3.34 -21.79 -2.41
CA LEU A 237 -4.12 -20.93 -3.30
C LEU A 237 -5.62 -20.95 -3.00
N SER A 238 -6.12 -22.09 -2.47
CA SER A 238 -7.53 -22.28 -2.10
C SER A 238 -7.92 -21.35 -0.93
N GLU A 239 -7.00 -21.16 0.03
CA GLU A 239 -7.20 -20.30 1.21
C GLU A 239 -7.42 -18.83 0.82
N ILE A 240 -6.72 -18.36 -0.23
CA ILE A 240 -6.76 -16.97 -0.71
C ILE A 240 -7.88 -16.73 -1.73
N TRP A 241 -8.08 -17.68 -2.68
CA TRP A 241 -9.02 -17.50 -3.79
C TRP A 241 -10.24 -18.45 -3.81
N ASP A 242 -11.00 -18.58 -2.70
CA ASP A 242 -12.19 -19.44 -2.69
C ASP A 242 -13.29 -18.95 -1.74
N VAL A 243 -14.55 -19.31 -2.06
CA VAL A 243 -15.73 -18.98 -1.25
C VAL A 243 -16.05 -20.12 -0.28
N GLN B 3 -5.21 29.35 -12.14
CA GLN B 3 -6.59 29.78 -12.38
C GLN B 3 -7.23 28.88 -13.44
N LEU B 4 -8.55 28.68 -13.37
CA LEU B 4 -9.29 27.88 -14.35
C LEU B 4 -9.51 28.72 -15.61
N THR B 5 -9.35 28.11 -16.79
CA THR B 5 -9.54 28.81 -18.06
C THR B 5 -11.05 28.97 -18.31
N ALA B 6 -11.43 29.91 -19.20
CA ALA B 6 -12.81 30.17 -19.56
C ALA B 6 -13.48 28.91 -20.12
N ALA B 7 -12.71 28.08 -20.85
CA ALA B 7 -13.17 26.80 -21.41
C ALA B 7 -13.44 25.82 -20.27
N GLN B 8 -12.52 25.75 -19.28
CA GLN B 8 -12.63 24.89 -18.11
C GLN B 8 -13.85 25.25 -17.27
N GLU B 9 -14.03 26.57 -17.00
CA GLU B 9 -15.17 27.10 -16.25
C GLU B 9 -16.49 26.78 -16.96
N LEU B 10 -16.51 26.86 -18.31
CA LEU B 10 -17.66 26.54 -19.16
C LEU B 10 -18.05 25.07 -19.04
N MET B 11 -17.05 24.18 -19.13
CA MET B 11 -17.14 22.73 -19.05
C MET B 11 -17.69 22.31 -17.69
N ILE B 12 -17.16 22.91 -16.59
CA ILE B 12 -17.57 22.64 -15.20
C ILE B 12 -19.01 23.08 -14.97
N GLN B 13 -19.33 24.34 -15.33
CA GLN B 13 -20.67 24.91 -15.21
C GLN B 13 -21.70 24.06 -15.97
N GLN B 14 -21.35 23.56 -17.17
CA GLN B 14 -22.22 22.73 -18.02
C GLN B 14 -22.63 21.43 -17.32
N LEU B 15 -21.69 20.80 -16.62
CA LEU B 15 -21.94 19.54 -15.91
C LEU B 15 -22.81 19.77 -14.68
N VAL B 16 -22.52 20.85 -13.90
CA VAL B 16 -23.27 21.23 -12.70
C VAL B 16 -24.71 21.59 -13.09
N ALA B 17 -24.89 22.36 -14.19
CA ALA B 17 -26.20 22.76 -14.70
C ALA B 17 -27.01 21.54 -15.16
N ALA B 18 -26.33 20.59 -15.83
CA ALA B 18 -26.94 19.36 -16.34
C ALA B 18 -27.35 18.44 -15.20
N GLN B 19 -26.57 18.43 -14.09
CA GLN B 19 -26.82 17.65 -12.88
C GLN B 19 -28.08 18.18 -12.19
N LEU B 20 -28.22 19.53 -12.13
CA LEU B 20 -29.35 20.24 -11.55
C LEU B 20 -30.63 19.99 -12.35
N GLN B 21 -30.55 20.05 -13.69
CA GLN B 21 -31.68 19.82 -14.60
C GLN B 21 -32.28 18.43 -14.44
N CYS B 22 -31.42 17.42 -14.23
CA CYS B 22 -31.81 16.02 -14.02
C CYS B 22 -32.50 15.89 -12.66
N ASN B 23 -31.90 16.49 -11.61
CA ASN B 23 -32.42 16.50 -10.23
C ASN B 23 -33.68 17.35 -10.07
N LYS B 24 -33.94 18.27 -11.03
CA LYS B 24 -35.14 19.12 -11.06
C LYS B 24 -36.32 18.28 -11.57
N ARG B 25 -36.10 17.46 -12.61
CA ARG B 25 -37.12 16.55 -13.18
C ARG B 25 -37.34 15.36 -12.22
N SER B 26 -36.35 15.09 -11.34
CA SER B 26 -36.36 14.00 -10.35
C SER B 26 -37.50 14.11 -9.31
N PHE B 27 -37.65 15.28 -8.64
CA PHE B 27 -38.69 15.47 -7.63
C PHE B 27 -40.12 15.62 -8.23
N SER B 28 -40.22 15.84 -9.56
CA SER B 28 -41.48 15.99 -10.28
C SER B 28 -42.31 14.70 -10.37
N ASP B 29 -41.65 13.56 -10.70
CA ASP B 29 -42.33 12.26 -10.84
C ASP B 29 -42.31 11.42 -9.55
N GLN B 30 -43.10 11.91 -8.57
CA GLN B 30 -43.45 11.41 -7.24
C GLN B 30 -44.50 12.46 -6.81
N PRO B 31 -45.79 12.39 -7.22
CA PRO B 31 -46.58 11.50 -8.08
C PRO B 31 -45.98 10.12 -8.44
N LYS B 32 -46.02 9.66 -9.73
CA LYS B 32 -45.59 8.31 -10.19
C LYS B 32 -44.61 7.62 -9.23
N VAL B 33 -45.04 6.53 -8.57
CA VAL B 33 -44.21 5.90 -7.52
C VAL B 33 -44.34 4.36 -7.32
N THR B 34 -45.58 3.85 -7.09
CA THR B 34 -45.95 2.50 -6.60
C THR B 34 -45.62 2.63 -5.10
N PRO B 35 -46.60 3.13 -4.29
CA PRO B 35 -46.34 3.47 -2.87
C PRO B 35 -45.66 2.40 -1.99
N TRP B 36 -44.87 2.91 -1.03
CA TRP B 36 -44.13 2.13 -0.04
C TRP B 36 -45.05 1.80 1.15
N PRO B 37 -45.38 0.50 1.39
CA PRO B 37 -46.25 0.16 2.53
C PRO B 37 -45.55 0.29 3.87
N ASP B 46 -47.83 -9.41 -2.30
CA ASP B 46 -47.83 -8.87 -0.92
C ASP B 46 -47.14 -7.50 -0.82
N ALA B 47 -46.86 -7.07 0.42
CA ALA B 47 -46.18 -5.81 0.75
C ALA B 47 -44.73 -5.84 0.27
N ARG B 48 -44.14 -7.05 0.24
CA ARG B 48 -42.79 -7.34 -0.26
C ARG B 48 -42.73 -7.03 -1.75
N GLN B 49 -43.78 -7.42 -2.51
CA GLN B 49 -43.92 -7.16 -3.95
C GLN B 49 -43.98 -5.65 -4.19
N GLN B 50 -44.82 -4.93 -3.40
CA GLN B 50 -45.00 -3.48 -3.45
C GLN B 50 -43.71 -2.73 -3.06
N ARG B 51 -42.86 -3.34 -2.20
CA ARG B 51 -41.60 -2.74 -1.75
C ARG B 51 -40.48 -2.89 -2.77
N PHE B 52 -40.36 -4.09 -3.37
CA PHE B 52 -39.36 -4.41 -4.40
C PHE B 52 -39.67 -3.68 -5.70
N ALA B 53 -40.97 -3.59 -6.08
CA ALA B 53 -41.42 -2.88 -7.29
C ALA B 53 -41.13 -1.39 -7.16
N HIS B 54 -41.31 -0.83 -5.95
CA HIS B 54 -41.04 0.57 -5.62
C HIS B 54 -39.55 0.86 -5.82
N PHE B 55 -38.68 0.01 -5.24
CA PHE B 55 -37.22 0.12 -5.30
C PHE B 55 -36.65 -0.01 -6.71
N THR B 56 -37.19 -0.93 -7.52
CA THR B 56 -36.77 -1.14 -8.91
C THR B 56 -37.16 0.04 -9.80
N GLU B 57 -38.31 0.68 -9.51
CA GLU B 57 -38.81 1.84 -10.24
C GLU B 57 -37.92 3.06 -10.04
N LEU B 58 -37.35 3.21 -8.82
CA LEU B 58 -36.44 4.30 -8.45
C LEU B 58 -35.14 4.16 -9.27
N ALA B 59 -34.69 2.91 -9.50
CA ALA B 59 -33.50 2.57 -10.28
C ALA B 59 -33.71 2.94 -11.75
N ILE B 60 -34.93 2.67 -12.29
CA ILE B 60 -35.35 2.99 -13.66
C ILE B 60 -35.25 4.51 -13.89
N ILE B 61 -35.71 5.31 -12.90
CA ILE B 61 -35.66 6.77 -12.95
C ILE B 61 -34.21 7.23 -13.03
N SER B 62 -33.32 6.61 -12.20
CA SER B 62 -31.88 6.91 -12.18
C SER B 62 -31.19 6.58 -13.50
N VAL B 63 -31.55 5.45 -14.13
CA VAL B 63 -30.99 5.05 -15.43
C VAL B 63 -31.34 6.12 -16.48
N GLN B 64 -32.63 6.53 -16.52
CA GLN B 64 -33.13 7.58 -17.42
C GLN B 64 -32.41 8.90 -17.16
N GLU B 65 -32.17 9.25 -15.88
CA GLU B 65 -31.46 10.45 -15.45
C GLU B 65 -30.02 10.46 -15.93
N ILE B 66 -29.30 9.32 -15.76
CA ILE B 66 -27.90 9.12 -16.16
C ILE B 66 -27.76 9.27 -17.69
N VAL B 67 -28.68 8.65 -18.46
CA VAL B 67 -28.72 8.71 -19.92
C VAL B 67 -28.89 10.17 -20.37
N ASP B 68 -29.84 10.90 -19.74
CA ASP B 68 -30.11 12.32 -20.04
C ASP B 68 -28.94 13.22 -19.68
N PHE B 69 -28.21 12.90 -18.59
CA PHE B 69 -27.04 13.64 -18.16
C PHE B 69 -25.89 13.43 -19.14
N ALA B 70 -25.62 12.16 -19.51
CA ALA B 70 -24.55 11.76 -20.44
C ALA B 70 -24.63 12.54 -21.75
N LYS B 71 -25.85 12.72 -22.29
CA LYS B 71 -26.13 13.45 -23.52
C LYS B 71 -25.70 14.92 -23.42
N GLN B 72 -25.71 15.47 -22.20
CA GLN B 72 -25.32 16.86 -21.91
C GLN B 72 -23.81 17.00 -21.62
N VAL B 73 -23.10 15.87 -21.48
CA VAL B 73 -21.66 15.86 -21.20
C VAL B 73 -20.91 16.12 -22.50
N PRO B 74 -20.15 17.24 -22.61
CA PRO B 74 -19.39 17.50 -23.85
C PRO B 74 -18.42 16.38 -24.20
N GLY B 75 -18.50 15.91 -25.44
CA GLY B 75 -17.65 14.84 -25.95
C GLY B 75 -18.32 13.48 -26.06
N PHE B 76 -19.41 13.28 -25.31
CA PHE B 76 -20.15 12.02 -25.34
C PHE B 76 -20.77 11.76 -26.74
N LEU B 77 -21.22 12.83 -27.41
CA LEU B 77 -21.80 12.82 -28.76
C LEU B 77 -20.79 12.33 -29.82
N GLN B 78 -19.50 12.70 -29.62
CA GLN B 78 -18.37 12.36 -30.49
C GLN B 78 -18.14 10.85 -30.62
N LEU B 79 -18.63 10.08 -29.65
CA LEU B 79 -18.51 8.61 -29.63
C LEU B 79 -19.60 7.98 -30.50
N GLY B 80 -19.33 6.77 -30.96
CA GLY B 80 -20.29 5.99 -31.73
C GLY B 80 -21.35 5.44 -30.80
N ARG B 81 -22.54 5.11 -31.35
CA ARG B 81 -23.67 4.59 -30.58
C ARG B 81 -23.30 3.34 -29.77
N GLU B 82 -22.48 2.44 -30.34
CA GLU B 82 -22.03 1.22 -29.68
C GLU B 82 -21.19 1.51 -28.42
N ASP B 83 -20.18 2.41 -28.53
CA ASP B 83 -19.35 2.82 -27.40
C ASP B 83 -20.13 3.61 -26.36
N GLN B 84 -21.11 4.41 -26.81
CA GLN B 84 -21.99 5.19 -25.94
C GLN B 84 -22.76 4.25 -25.01
N ILE B 85 -23.23 3.11 -25.56
CA ILE B 85 -23.95 2.08 -24.80
C ILE B 85 -22.96 1.38 -23.85
N ALA B 86 -21.81 0.91 -24.37
CA ALA B 86 -20.77 0.21 -23.60
C ALA B 86 -20.34 0.99 -22.35
N LEU B 87 -20.08 2.32 -22.51
CA LEU B 87 -19.67 3.20 -21.42
C LEU B 87 -20.77 3.38 -20.38
N LEU B 88 -22.00 3.73 -20.83
CA LEU B 88 -23.17 3.91 -19.97
C LEU B 88 -23.55 2.65 -19.21
N LYS B 89 -23.50 1.48 -19.89
CA LYS B 89 -23.84 0.18 -19.31
C LYS B 89 -23.01 -0.13 -18.06
N ALA B 90 -21.68 0.14 -18.12
CA ALA B 90 -20.74 -0.11 -17.01
C ALA B 90 -20.71 0.99 -15.95
N SER B 91 -20.93 2.25 -16.35
CA SER B 91 -20.88 3.41 -15.45
C SER B 91 -22.13 3.64 -14.61
N THR B 92 -23.34 3.29 -15.13
CA THR B 92 -24.64 3.52 -14.48
C THR B 92 -24.64 3.24 -12.97
N ILE B 93 -24.27 2.01 -12.54
CA ILE B 93 -24.28 1.66 -11.11
C ILE B 93 -23.25 2.48 -10.32
N GLU B 94 -22.06 2.72 -10.90
CA GLU B 94 -21.00 3.51 -10.28
C GLU B 94 -21.46 4.96 -10.06
N ILE B 95 -22.22 5.51 -11.03
CA ILE B 95 -22.78 6.86 -10.93
C ILE B 95 -23.91 6.85 -9.89
N MET B 96 -24.77 5.80 -9.93
CA MET B 96 -25.87 5.61 -8.98
C MET B 96 -25.36 5.66 -7.55
N LEU B 97 -24.28 4.89 -7.27
CA LEU B 97 -23.64 4.80 -5.97
C LEU B 97 -23.03 6.12 -5.51
N LEU B 98 -22.44 6.88 -6.44
CA LEU B 98 -21.87 8.21 -6.15
C LEU B 98 -22.97 9.15 -5.70
N GLU B 99 -24.11 9.14 -6.42
CA GLU B 99 -25.29 9.95 -6.14
C GLU B 99 -25.97 9.51 -4.85
N THR B 100 -25.94 8.18 -4.55
CA THR B 100 -26.48 7.60 -3.32
C THR B 100 -25.68 8.16 -2.12
N ALA B 101 -24.33 8.15 -2.24
CA ALA B 101 -23.40 8.68 -1.24
C ALA B 101 -23.64 10.16 -0.98
N ARG B 102 -24.03 10.90 -2.02
CA ARG B 102 -24.34 12.33 -1.94
C ARG B 102 -25.63 12.60 -1.17
N ARG B 103 -26.55 11.62 -1.17
CA ARG B 103 -27.84 11.70 -0.48
C ARG B 103 -27.87 11.04 0.91
N TYR B 104 -26.70 10.71 1.47
CA TYR B 104 -26.59 10.09 2.79
C TYR B 104 -26.51 11.15 3.87
N ASN B 105 -27.39 11.04 4.87
CA ASN B 105 -27.45 11.95 6.01
C ASN B 105 -26.74 11.30 7.18
N HIS B 106 -25.65 11.94 7.67
CA HIS B 106 -24.86 11.42 8.78
C HIS B 106 -25.60 11.43 10.12
N GLU B 107 -26.44 12.46 10.35
CA GLU B 107 -27.24 12.62 11.57
C GLU B 107 -28.31 11.54 11.74
N THR B 108 -28.98 11.13 10.64
CA THR B 108 -30.05 10.12 10.67
C THR B 108 -29.62 8.73 10.18
N GLU B 109 -28.44 8.63 9.52
CA GLU B 109 -27.87 7.40 8.92
C GLU B 109 -28.85 6.85 7.87
N CYS B 110 -29.40 7.78 7.06
CA CYS B 110 -30.40 7.53 6.03
C CYS B 110 -30.07 8.15 4.68
N ILE B 111 -30.45 7.45 3.60
CA ILE B 111 -30.27 7.89 2.22
C ILE B 111 -31.64 8.35 1.69
N THR B 112 -31.71 9.60 1.20
CA THR B 112 -32.95 10.17 0.70
C THR B 112 -33.02 10.22 -0.83
N PHE B 113 -33.79 9.30 -1.42
CA PHE B 113 -34.01 9.26 -2.86
C PHE B 113 -35.18 10.19 -3.21
N LEU B 114 -35.06 10.89 -4.36
CA LEU B 114 -36.02 11.84 -4.96
C LEU B 114 -36.13 13.16 -4.17
N LYS B 115 -36.91 13.19 -3.06
CA LYS B 115 -37.10 14.39 -2.23
C LYS B 115 -37.54 14.06 -0.80
N ASP B 116 -38.54 13.18 -0.66
CA ASP B 116 -39.11 12.80 0.63
C ASP B 116 -38.84 11.35 1.01
N PHE B 117 -38.50 10.50 0.01
CA PHE B 117 -38.26 9.07 0.22
C PHE B 117 -36.95 8.82 0.95
N THR B 118 -37.05 8.59 2.27
CA THR B 118 -35.91 8.38 3.17
C THR B 118 -35.78 6.90 3.55
N TYR B 119 -34.55 6.35 3.46
CA TYR B 119 -34.27 4.94 3.72
C TYR B 119 -33.10 4.72 4.65
N SER B 120 -33.28 3.82 5.62
CA SER B 120 -32.24 3.39 6.57
C SER B 120 -31.72 2.02 6.12
N LYS B 121 -30.67 1.49 6.80
CA LYS B 121 -30.09 0.17 6.49
C LYS B 121 -31.16 -0.93 6.50
N ASP B 122 -32.09 -0.86 7.48
CA ASP B 122 -33.21 -1.79 7.66
C ASP B 122 -34.18 -1.70 6.48
N ASP B 123 -34.50 -0.47 6.03
CA ASP B 123 -35.40 -0.21 4.88
C ASP B 123 -34.89 -0.83 3.58
N PHE B 124 -33.55 -0.87 3.40
CA PHE B 124 -32.88 -1.48 2.25
C PHE B 124 -33.08 -3.01 2.28
N HIS B 125 -33.13 -3.62 3.50
CA HIS B 125 -33.39 -5.05 3.73
C HIS B 125 -34.83 -5.35 3.36
N ARG B 126 -35.77 -4.49 3.82
CA ARG B 126 -37.20 -4.56 3.56
C ARG B 126 -37.50 -4.58 2.06
N ALA B 127 -36.63 -3.90 1.28
CA ALA B 127 -36.75 -3.81 -0.18
C ALA B 127 -36.31 -5.10 -0.86
N GLY B 128 -35.48 -5.91 -0.18
CA GLY B 128 -35.02 -7.20 -0.67
C GLY B 128 -33.55 -7.27 -1.04
N LEU B 129 -32.69 -6.50 -0.33
CA LEU B 129 -31.25 -6.49 -0.61
C LEU B 129 -30.45 -7.23 0.46
N GLN B 130 -29.31 -7.81 0.04
CA GLN B 130 -28.37 -8.55 0.88
C GLN B 130 -27.55 -7.59 1.75
N VAL B 131 -27.15 -8.04 2.97
CA VAL B 131 -26.27 -7.31 3.88
C VAL B 131 -24.91 -7.12 3.20
N GLU B 132 -24.48 -8.14 2.43
CA GLU B 132 -23.23 -8.17 1.65
C GLU B 132 -23.13 -6.99 0.67
N PHE B 133 -24.28 -6.37 0.30
CA PHE B 133 -24.36 -5.21 -0.58
C PHE B 133 -24.78 -3.92 0.15
N ILE B 134 -25.58 -4.03 1.23
CA ILE B 134 -26.03 -2.87 2.02
C ILE B 134 -24.87 -2.24 2.80
N ASN B 135 -24.08 -3.06 3.53
CA ASN B 135 -22.93 -2.59 4.30
C ASN B 135 -21.94 -1.79 3.44
N PRO B 136 -21.47 -2.29 2.25
CA PRO B 136 -20.58 -1.46 1.42
C PRO B 136 -21.19 -0.13 0.96
N ILE B 137 -22.52 -0.08 0.69
CA ILE B 137 -23.22 1.16 0.27
C ILE B 137 -23.02 2.24 1.34
N PHE B 138 -23.40 1.94 2.60
CA PHE B 138 -23.29 2.85 3.73
C PHE B 138 -21.84 3.12 4.12
N GLU B 139 -20.96 2.09 3.97
CA GLU B 139 -19.53 2.17 4.25
C GLU B 139 -18.90 3.21 3.31
N PHE B 140 -19.26 3.14 2.00
CA PHE B 140 -18.82 4.05 0.95
C PHE B 140 -19.42 5.44 1.12
N SER B 141 -20.71 5.51 1.51
CA SER B 141 -21.43 6.76 1.73
C SER B 141 -20.81 7.60 2.84
N ARG B 142 -20.36 6.96 3.94
CA ARG B 142 -19.71 7.72 5.02
C ARG B 142 -18.26 8.05 4.66
N ALA B 143 -17.60 7.18 3.83
CA ALA B 143 -16.24 7.43 3.31
C ALA B 143 -16.23 8.66 2.40
N MET B 144 -17.32 8.84 1.60
CA MET B 144 -17.50 9.96 0.69
C MET B 144 -17.76 11.26 1.43
N ARG B 145 -18.50 11.17 2.55
CA ARG B 145 -18.87 12.28 3.43
C ARG B 145 -17.62 12.98 3.97
N ARG B 146 -16.57 12.19 4.30
CA ARG B 146 -15.30 12.65 4.83
C ARG B 146 -14.54 13.58 3.88
N LEU B 147 -14.65 13.35 2.55
CA LEU B 147 -14.00 14.18 1.53
C LEU B 147 -14.66 15.55 1.44
N GLY B 148 -16.00 15.57 1.49
CA GLY B 148 -16.79 16.78 1.43
C GLY B 148 -16.67 17.46 0.08
N LEU B 149 -17.05 16.73 -0.98
CA LEU B 149 -16.99 17.21 -2.35
C LEU B 149 -18.15 18.16 -2.63
N ASP B 150 -17.87 19.21 -3.41
CA ASP B 150 -18.91 20.15 -3.83
C ASP B 150 -19.58 19.63 -5.11
N ASP B 151 -20.54 20.38 -5.65
CA ASP B 151 -21.27 20.01 -6.86
C ASP B 151 -20.36 19.85 -8.08
N ALA B 152 -19.34 20.71 -8.20
CA ALA B 152 -18.37 20.71 -9.28
C ALA B 152 -17.50 19.45 -9.26
N GLU B 153 -17.00 19.06 -8.07
CA GLU B 153 -16.16 17.88 -7.88
C GLU B 153 -16.91 16.58 -8.14
N TYR B 154 -18.19 16.54 -7.77
CA TYR B 154 -19.05 15.38 -7.99
C TYR B 154 -19.29 15.21 -9.48
N ALA B 155 -19.66 16.32 -10.17
CA ALA B 155 -19.92 16.35 -11.61
C ALA B 155 -18.70 15.93 -12.41
N LEU B 156 -17.51 16.46 -12.07
CA LEU B 156 -16.26 16.11 -12.73
C LEU B 156 -15.91 14.64 -12.56
N LEU B 157 -16.11 14.09 -11.35
CA LEU B 157 -15.87 12.69 -11.03
C LEU B 157 -16.73 11.76 -11.87
N ILE B 158 -18.00 12.12 -12.11
CA ILE B 158 -18.95 11.33 -12.91
C ILE B 158 -18.48 11.30 -14.37
N ALA B 159 -18.07 12.47 -14.91
CA ALA B 159 -17.57 12.61 -16.29
C ALA B 159 -16.32 11.74 -16.49
N ILE B 160 -15.40 11.72 -15.50
CA ILE B 160 -14.18 10.90 -15.51
C ILE B 160 -14.57 9.42 -15.47
N ASN B 161 -15.60 9.08 -14.68
CA ASN B 161 -16.12 7.72 -14.57
C ASN B 161 -16.76 7.25 -15.88
N ILE B 162 -17.48 8.15 -16.60
CA ILE B 162 -18.13 7.83 -17.89
C ILE B 162 -17.08 7.46 -18.94
N PHE B 163 -16.08 8.34 -19.13
CA PHE B 163 -15.02 8.15 -20.11
C PHE B 163 -13.88 7.24 -19.63
N SER B 164 -14.21 5.99 -19.26
CA SER B 164 -13.23 4.99 -18.85
C SER B 164 -12.94 4.09 -20.04
N ALA B 165 -11.71 4.16 -20.58
CA ALA B 165 -11.29 3.40 -21.76
C ALA B 165 -11.20 1.88 -21.55
N ASP B 166 -11.08 1.42 -20.28
CA ASP B 166 -10.94 0.02 -19.93
C ASP B 166 -12.28 -0.75 -19.77
N ARG B 167 -13.41 -0.13 -20.12
CA ARG B 167 -14.73 -0.78 -20.00
C ARG B 167 -14.88 -1.92 -21.04
N PRO B 168 -15.68 -2.98 -20.77
CA PRO B 168 -15.83 -4.04 -21.78
C PRO B 168 -16.59 -3.57 -23.02
N ASN B 169 -16.28 -4.19 -24.19
CA ASN B 169 -16.89 -3.94 -25.50
C ASN B 169 -16.67 -2.50 -26.03
N VAL B 170 -15.57 -1.83 -25.62
CA VAL B 170 -15.26 -0.48 -26.10
C VAL B 170 -14.43 -0.61 -27.38
N GLN B 171 -15.05 -0.30 -28.52
CA GLN B 171 -14.45 -0.37 -29.85
C GLN B 171 -13.32 0.62 -30.07
N GLU B 172 -13.48 1.86 -29.57
CA GLU B 172 -12.47 2.91 -29.74
C GLU B 172 -11.95 3.44 -28.39
N PRO B 173 -11.06 2.69 -27.67
CA PRO B 173 -10.57 3.18 -26.37
C PRO B 173 -9.75 4.47 -26.42
N GLY B 174 -9.14 4.74 -27.57
CA GLY B 174 -8.36 5.94 -27.83
C GLY B 174 -9.15 7.24 -27.72
N ARG B 175 -10.42 7.31 -28.26
CA ARG B 175 -11.26 8.53 -28.14
C ARG B 175 -11.62 8.69 -26.67
N VAL B 176 -12.09 7.59 -26.05
CA VAL B 176 -12.53 7.53 -24.66
C VAL B 176 -11.43 8.07 -23.74
N GLU B 177 -10.18 7.64 -23.95
CA GLU B 177 -9.04 8.11 -23.15
C GLU B 177 -8.75 9.58 -23.43
N ALA B 178 -8.88 10.02 -24.69
CA ALA B 178 -8.67 11.42 -25.11
C ALA B 178 -9.74 12.35 -24.55
N LEU B 179 -11.00 11.86 -24.42
CA LEU B 179 -12.13 12.61 -23.90
C LEU B 179 -12.09 12.75 -22.38
N GLN B 180 -11.47 11.78 -21.67
CA GLN B 180 -11.35 11.78 -20.22
C GLN B 180 -10.33 12.85 -19.77
N GLN B 181 -9.23 13.00 -20.54
CA GLN B 181 -8.12 13.92 -20.28
C GLN B 181 -8.55 15.35 -19.88
N PRO B 182 -9.41 16.09 -20.63
CA PRO B 182 -9.76 17.46 -20.20
C PRO B 182 -10.48 17.53 -18.85
N TYR B 183 -11.29 16.51 -18.53
CA TYR B 183 -12.02 16.41 -17.26
C TYR B 183 -11.09 16.15 -16.08
N VAL B 184 -10.07 15.29 -16.27
CA VAL B 184 -9.05 14.99 -15.26
C VAL B 184 -8.23 16.26 -15.02
N GLU B 185 -7.87 16.97 -16.11
CA GLU B 185 -7.14 18.25 -16.05
C GLU B 185 -7.95 19.30 -15.29
N ALA B 186 -9.29 19.32 -15.51
CA ALA B 186 -10.19 20.27 -14.86
C ALA B 186 -10.30 20.00 -13.37
N LEU B 187 -10.51 18.73 -12.97
CA LEU B 187 -10.60 18.34 -11.56
C LEU B 187 -9.29 18.63 -10.82
N LEU B 188 -8.13 18.32 -11.45
CA LEU B 188 -6.81 18.59 -10.90
C LEU B 188 -6.60 20.09 -10.66
N SER B 189 -7.04 20.93 -11.61
CA SER B 189 -6.92 22.39 -11.50
C SER B 189 -7.88 22.95 -10.44
N TYR B 190 -9.14 22.48 -10.41
CA TYR B 190 -10.17 22.89 -9.46
C TYR B 190 -9.72 22.59 -8.02
N THR B 191 -9.13 21.40 -7.80
CA THR B 191 -8.59 20.91 -6.53
C THR B 191 -7.49 21.83 -6.00
N ARG B 192 -6.53 22.20 -6.87
CA ARG B 192 -5.41 23.09 -6.54
C ARG B 192 -5.90 24.49 -6.15
N ILE B 193 -7.00 24.95 -6.78
CA ILE B 193 -7.58 26.26 -6.50
C ILE B 193 -8.38 26.23 -5.19
N LYS B 194 -9.33 25.27 -5.07
CA LYS B 194 -10.20 25.11 -3.89
C LYS B 194 -9.40 24.94 -2.61
N ARG B 195 -8.65 23.84 -2.49
CA ARG B 195 -7.85 23.55 -1.31
C ARG B 195 -6.35 23.41 -1.67
N PRO B 196 -5.62 24.55 -1.78
CA PRO B 196 -4.19 24.48 -2.15
C PRO B 196 -3.29 23.79 -1.13
N GLN B 197 -3.69 23.77 0.15
CA GLN B 197 -2.93 23.15 1.24
C GLN B 197 -2.97 21.61 1.17
N ASP B 198 -4.11 21.04 0.72
CA ASP B 198 -4.30 19.59 0.59
C ASP B 198 -3.94 19.08 -0.81
N GLN B 199 -2.72 18.57 -0.95
CA GLN B 199 -2.20 18.03 -2.22
C GLN B 199 -2.81 16.66 -2.53
N LEU B 200 -3.16 15.90 -1.48
CA LEU B 200 -3.71 14.55 -1.60
C LEU B 200 -5.22 14.50 -1.81
N ARG B 201 -5.85 15.68 -2.01
CA ARG B 201 -7.29 15.84 -2.25
C ARG B 201 -7.71 15.12 -3.54
N PHE B 202 -6.96 15.36 -4.63
CA PHE B 202 -7.16 14.79 -5.96
C PHE B 202 -6.93 13.27 -5.99
N PRO B 203 -5.75 12.68 -5.57
CA PRO B 203 -5.63 11.22 -5.59
C PRO B 203 -6.70 10.48 -4.79
N ARG B 204 -7.16 11.06 -3.66
CA ARG B 204 -8.21 10.49 -2.81
C ARG B 204 -9.54 10.34 -3.55
N MET B 205 -9.86 11.30 -4.44
CA MET B 205 -11.06 11.29 -5.27
C MET B 205 -10.97 10.16 -6.31
N LEU B 206 -9.77 9.94 -6.85
CA LEU B 206 -9.53 8.89 -7.84
C LEU B 206 -9.51 7.50 -7.18
N MET B 207 -9.16 7.44 -5.87
CA MET B 207 -9.18 6.20 -5.08
C MET B 207 -10.63 5.71 -4.95
N LYS B 208 -11.60 6.65 -5.03
CA LYS B 208 -13.03 6.34 -4.96
C LYS B 208 -13.50 5.63 -6.21
N LEU B 209 -12.85 5.88 -7.37
CA LEU B 209 -13.16 5.21 -8.63
C LEU B 209 -12.69 3.75 -8.51
N VAL B 210 -11.61 3.51 -7.74
CA VAL B 210 -11.07 2.17 -7.47
C VAL B 210 -12.14 1.40 -6.67
N SER B 211 -12.67 2.03 -5.60
CA SER B 211 -13.70 1.46 -4.73
C SER B 211 -15.01 1.15 -5.47
N LEU B 212 -15.41 2.03 -6.41
CA LEU B 212 -16.63 1.87 -7.22
C LEU B 212 -16.63 0.60 -8.09
N ARG B 213 -15.43 0.17 -8.54
CA ARG B 213 -15.27 -1.04 -9.34
C ARG B 213 -15.58 -2.29 -8.52
N THR B 214 -15.13 -2.32 -7.25
CA THR B 214 -15.38 -3.43 -6.32
C THR B 214 -16.88 -3.47 -6.02
N LEU B 215 -17.47 -2.28 -5.79
CA LEU B 215 -18.89 -2.09 -5.52
C LEU B 215 -19.77 -2.52 -6.69
N SER B 216 -19.24 -2.39 -7.93
CA SER B 216 -19.90 -2.79 -9.16
C SER B 216 -20.00 -4.32 -9.21
N SER B 217 -18.93 -5.01 -8.76
CA SER B 217 -18.84 -6.47 -8.69
C SER B 217 -19.78 -7.00 -7.61
N VAL B 218 -19.88 -6.27 -6.48
CA VAL B 218 -20.76 -6.60 -5.35
C VAL B 218 -22.22 -6.49 -5.82
N HIS B 219 -22.52 -5.45 -6.63
CA HIS B 219 -23.85 -5.22 -7.21
C HIS B 219 -24.20 -6.34 -8.19
N SER B 220 -23.20 -6.86 -8.93
CA SER B 220 -23.38 -7.97 -9.88
C SER B 220 -23.75 -9.24 -9.11
N GLU B 221 -23.11 -9.45 -7.94
CA GLU B 221 -23.37 -10.58 -7.03
C GLU B 221 -24.77 -10.47 -6.44
N GLN B 222 -25.24 -9.24 -6.19
CA GLN B 222 -26.58 -8.93 -5.67
C GLN B 222 -27.66 -9.33 -6.70
N VAL B 223 -27.42 -9.00 -7.99
CA VAL B 223 -28.33 -9.31 -9.09
C VAL B 223 -28.41 -10.83 -9.31
N PHE B 224 -27.25 -11.51 -9.26
CA PHE B 224 -27.15 -12.97 -9.41
C PHE B 224 -27.89 -13.67 -8.26
N ALA B 225 -27.88 -13.06 -7.06
CA ALA B 225 -28.57 -13.57 -5.87
C ALA B 225 -30.09 -13.48 -6.04
N LEU B 226 -30.59 -12.44 -6.75
CA LEU B 226 -32.01 -12.23 -7.01
C LEU B 226 -32.58 -13.28 -7.95
N ARG B 227 -31.73 -13.76 -8.90
CA ARG B 227 -32.06 -14.81 -9.88
C ARG B 227 -32.33 -16.13 -9.16
N LEU B 228 -31.56 -16.40 -8.09
CA LEU B 228 -31.67 -17.58 -7.24
C LEU B 228 -32.82 -17.42 -6.22
N GLN B 229 -33.25 -16.17 -5.97
CA GLN B 229 -34.33 -15.81 -5.06
C GLN B 229 -35.67 -15.69 -5.82
N ASP B 230 -35.65 -16.02 -7.15
CA ASP B 230 -36.78 -15.99 -8.11
C ASP B 230 -37.29 -14.56 -8.43
N LYS B 231 -36.67 -13.52 -7.84
CA LYS B 231 -37.04 -12.12 -8.03
C LYS B 231 -36.51 -11.63 -9.37
N LYS B 232 -37.42 -11.35 -10.30
CA LYS B 232 -37.09 -10.90 -11.66
C LYS B 232 -36.98 -9.38 -11.74
N LEU B 233 -36.05 -8.90 -12.59
CA LEU B 233 -35.82 -7.47 -12.81
C LEU B 233 -36.69 -6.93 -13.95
N PRO B 234 -37.14 -5.64 -13.87
CA PRO B 234 -37.92 -5.08 -14.99
C PRO B 234 -37.15 -5.08 -16.32
N PRO B 235 -37.85 -5.14 -17.49
CA PRO B 235 -37.13 -5.20 -18.79
C PRO B 235 -35.98 -4.20 -18.99
N LEU B 236 -36.13 -2.95 -18.48
CA LEU B 236 -35.10 -1.91 -18.60
C LEU B 236 -33.82 -2.28 -17.83
N LEU B 237 -33.95 -2.63 -16.52
CA LEU B 237 -32.84 -2.99 -15.65
C LEU B 237 -32.18 -4.31 -16.05
N SER B 238 -32.95 -5.22 -16.66
CA SER B 238 -32.49 -6.52 -17.13
C SER B 238 -31.48 -6.36 -18.28
N GLU B 239 -31.72 -5.38 -19.19
CA GLU B 239 -30.85 -5.10 -20.34
C GLU B 239 -29.45 -4.66 -19.93
N ILE B 240 -29.35 -3.89 -18.82
CA ILE B 240 -28.08 -3.34 -18.30
C ILE B 240 -27.38 -4.29 -17.33
N TRP B 241 -28.13 -4.96 -16.43
CA TRP B 241 -27.55 -5.79 -15.38
C TRP B 241 -27.85 -7.30 -15.45
N ASP B 242 -27.63 -7.95 -16.61
CA ASP B 242 -27.84 -9.41 -16.71
C ASP B 242 -26.91 -10.11 -17.68
N VAL B 243 -26.56 -11.36 -17.35
CA VAL B 243 -25.66 -12.20 -18.16
C VAL B 243 -26.46 -13.10 -19.10
N VAL C 2 4.80 -24.25 13.11
CA VAL C 2 5.26 -23.48 14.28
C VAL C 2 5.00 -21.98 14.06
N GLN C 3 4.18 -21.38 14.93
CA GLN C 3 3.78 -19.98 14.90
C GLN C 3 4.19 -19.26 16.19
N LEU C 4 4.19 -17.92 16.18
CA LEU C 4 4.52 -17.10 17.33
C LEU C 4 3.36 -17.15 18.33
N THR C 5 3.68 -17.24 19.64
CA THR C 5 2.66 -17.26 20.69
C THR C 5 2.11 -15.85 20.90
N ALA C 6 0.92 -15.73 21.52
CA ALA C 6 0.27 -14.44 21.79
C ALA C 6 1.17 -13.52 22.61
N ALA C 7 1.97 -14.10 23.54
CA ALA C 7 2.93 -13.40 24.38
C ALA C 7 4.07 -12.88 23.52
N GLN C 8 4.59 -13.73 22.60
CA GLN C 8 5.66 -13.39 21.67
C GLN C 8 5.24 -12.25 20.74
N GLU C 9 4.04 -12.34 20.15
CA GLU C 9 3.47 -11.34 19.27
C GLU C 9 3.34 -10.00 19.99
N LEU C 10 2.92 -10.06 21.27
CA LEU C 10 2.74 -8.90 22.14
C LEU C 10 4.04 -8.15 22.38
N MET C 11 5.12 -8.86 22.78
CA MET C 11 6.36 -8.15 23.05
C MET C 11 7.06 -7.70 21.77
N ILE C 12 6.89 -8.44 20.65
CA ILE C 12 7.47 -7.98 19.37
C ILE C 12 6.82 -6.64 18.98
N GLN C 13 5.47 -6.62 19.03
CA GLN C 13 4.66 -5.43 18.75
C GLN C 13 5.05 -4.28 19.66
N GLN C 14 5.30 -4.55 20.96
CA GLN C 14 5.70 -3.56 21.96
C GLN C 14 6.98 -2.83 21.58
N LEU C 15 7.98 -3.58 21.13
CA LEU C 15 9.30 -3.06 20.76
C LEU C 15 9.23 -2.22 19.49
N VAL C 16 8.49 -2.70 18.46
CA VAL C 16 8.29 -2.01 17.19
C VAL C 16 7.53 -0.68 17.43
N ALA C 17 6.49 -0.71 18.29
CA ALA C 17 5.71 0.47 18.66
C ALA C 17 6.56 1.51 19.40
N ALA C 18 7.43 1.04 20.31
CA ALA C 18 8.33 1.88 21.09
C ALA C 18 9.40 2.53 20.21
N GLN C 19 9.85 1.77 19.18
CA GLN C 19 10.86 2.18 18.23
C GLN C 19 10.36 3.32 17.35
N LEU C 20 9.12 3.24 16.83
CA LEU C 20 8.57 4.29 15.99
C LEU C 20 8.13 5.50 16.81
N GLN C 21 7.86 5.30 18.11
CA GLN C 21 7.48 6.37 19.03
C GLN C 21 8.69 7.26 19.36
N CYS C 22 9.91 6.69 19.36
CA CYS C 22 11.16 7.42 19.62
C CYS C 22 11.55 8.29 18.42
N ASN C 23 11.43 7.74 17.21
CA ASN C 23 11.76 8.43 15.97
C ASN C 23 10.73 9.52 15.61
N LYS C 24 9.46 9.36 16.00
CA LYS C 24 8.42 10.35 15.74
C LYS C 24 8.54 11.56 16.67
N ARG C 25 8.82 11.30 17.98
CA ARG C 25 8.97 12.33 19.00
C ARG C 25 10.17 13.25 18.74
N SER C 26 11.34 12.67 18.39
CA SER C 26 12.56 13.42 18.09
C SER C 26 12.47 14.20 16.76
N PHE C 27 11.74 13.65 15.76
CA PHE C 27 11.54 14.25 14.43
C PHE C 27 10.23 13.77 13.80
N PRO C 31 15.00 19.02 15.50
CA PRO C 31 14.18 20.23 15.48
C PRO C 31 15.00 21.50 15.70
N LYS C 32 15.78 21.58 16.81
CA LYS C 32 16.60 22.76 17.11
C LYS C 32 18.03 22.40 17.58
N VAL C 33 18.90 22.14 16.59
CA VAL C 33 20.32 21.81 16.81
C VAL C 33 21.21 22.79 16.05
N THR C 34 22.41 23.07 16.60
CA THR C 34 23.43 23.96 16.04
C THR C 34 23.59 23.69 14.54
N PRO C 35 23.44 24.70 13.64
CA PRO C 35 23.54 24.41 12.19
C PRO C 35 24.91 23.94 11.69
N TRP C 36 24.91 23.27 10.51
CA TRP C 36 26.10 22.75 9.85
C TRP C 36 26.60 23.77 8.81
N PRO C 37 27.81 24.35 8.99
CA PRO C 37 28.32 25.33 8.00
C PRO C 37 28.75 24.68 6.70
N GLN C 43 37.23 28.09 5.47
CA GLN C 43 37.12 27.06 6.49
C GLN C 43 37.82 27.51 7.79
N SER C 44 37.16 28.40 8.54
CA SER C 44 37.67 28.96 9.80
C SER C 44 37.66 27.91 10.91
N ARG C 45 38.58 28.03 11.87
CA ARG C 45 38.66 27.12 13.01
C ARG C 45 37.67 27.56 14.12
N ASP C 46 36.41 27.75 13.70
CA ASP C 46 35.22 28.13 14.46
C ASP C 46 34.02 27.44 13.78
N ALA C 47 34.19 27.12 12.47
CA ALA C 47 33.25 26.34 11.67
C ALA C 47 33.43 24.88 12.10
N ARG C 48 34.68 24.52 12.50
CA ARG C 48 35.05 23.20 13.01
C ARG C 48 34.49 23.03 14.42
N GLN C 49 34.44 24.13 15.21
CA GLN C 49 33.86 24.14 16.56
C GLN C 49 32.34 23.96 16.45
N GLN C 50 31.73 24.53 15.37
CA GLN C 50 30.29 24.42 15.09
C GLN C 50 29.94 23.02 14.56
N ARG C 51 30.76 22.47 13.63
CA ARG C 51 30.58 21.14 13.04
C ARG C 51 30.64 20.03 14.08
N PHE C 52 31.60 20.11 15.02
CA PHE C 52 31.77 19.17 16.11
C PHE C 52 30.63 19.29 17.13
N ALA C 53 30.18 20.54 17.42
CA ALA C 53 29.08 20.81 18.34
C ALA C 53 27.77 20.25 17.78
N HIS C 54 27.58 20.35 16.44
CA HIS C 54 26.43 19.82 15.70
C HIS C 54 26.37 18.31 15.87
N PHE C 55 27.52 17.63 15.60
CA PHE C 55 27.67 16.18 15.66
C PHE C 55 27.46 15.60 17.06
N THR C 56 27.98 16.28 18.10
CA THR C 56 27.84 15.86 19.50
C THR C 56 26.40 16.01 19.99
N GLU C 57 25.67 17.02 19.49
CA GLU C 57 24.27 17.29 19.84
C GLU C 57 23.35 16.19 19.31
N LEU C 58 23.67 15.65 18.11
CA LEU C 58 22.93 14.56 17.48
C LEU C 58 23.05 13.28 18.33
N ALA C 59 24.25 13.06 18.91
CA ALA C 59 24.55 11.93 19.79
C ALA C 59 23.75 12.02 21.08
N ILE C 60 23.62 13.25 21.63
CA ILE C 60 22.84 13.56 22.85
C ILE C 60 21.37 13.17 22.64
N ILE C 61 20.81 13.50 21.45
CA ILE C 61 19.43 13.16 21.07
C ILE C 61 19.27 11.63 21.05
N SER C 62 20.25 10.91 20.47
CA SER C 62 20.26 9.45 20.38
C SER C 62 20.33 8.79 21.76
N VAL C 63 21.14 9.35 22.69
CA VAL C 63 21.25 8.83 24.05
C VAL C 63 19.88 8.93 24.74
N GLN C 64 19.21 10.11 24.62
CA GLN C 64 17.88 10.37 25.18
C GLN C 64 16.86 9.39 24.58
N GLU C 65 16.95 9.14 23.25
CA GLU C 65 16.08 8.22 22.52
C GLU C 65 16.23 6.77 23.02
N ILE C 66 17.49 6.32 23.20
CA ILE C 66 17.83 4.97 23.67
C ILE C 66 17.30 4.74 25.10
N VAL C 67 17.48 5.75 25.98
CA VAL C 67 17.00 5.72 27.36
C VAL C 67 15.47 5.58 27.39
N ASP C 68 14.76 6.37 26.55
CA ASP C 68 13.30 6.34 26.42
C ASP C 68 12.79 5.01 25.87
N PHE C 69 13.56 4.41 24.94
CA PHE C 69 13.21 3.11 24.35
C PHE C 69 13.38 1.99 25.39
N ALA C 70 14.52 1.98 26.11
CA ALA C 70 14.85 1.00 27.14
C ALA C 70 13.74 0.87 28.19
N LYS C 71 13.18 2.03 28.61
CA LYS C 71 12.08 2.11 29.58
C LYS C 71 10.82 1.39 29.09
N GLN C 72 10.64 1.32 27.76
CA GLN C 72 9.51 0.65 27.13
C GLN C 72 9.76 -0.84 26.86
N VAL C 73 11.00 -1.30 27.06
CA VAL C 73 11.38 -2.71 26.83
C VAL C 73 10.93 -3.53 28.04
N PRO C 74 10.00 -4.51 27.87
CA PRO C 74 9.58 -5.33 29.01
C PRO C 74 10.73 -6.08 29.68
N GLY C 75 10.81 -5.94 31.00
CA GLY C 75 11.85 -6.57 31.81
C GLY C 75 12.96 -5.64 32.27
N PHE C 76 13.14 -4.50 31.57
CA PHE C 76 14.16 -3.50 31.92
C PHE C 76 13.88 -2.89 33.31
N LEU C 77 12.59 -2.68 33.64
CA LEU C 77 12.11 -2.15 34.92
C LEU C 77 12.47 -3.08 36.09
N GLN C 78 12.45 -4.40 35.85
CA GLN C 78 12.76 -5.46 36.83
C GLN C 78 14.18 -5.38 37.38
N LEU C 79 15.08 -4.72 36.65
CA LEU C 79 16.48 -4.54 37.03
C LEU C 79 16.61 -3.38 38.00
N GLY C 80 17.68 -3.41 38.79
CA GLY C 80 18.02 -2.34 39.73
C GLY C 80 18.55 -1.15 38.96
N ARG C 81 18.47 0.06 39.57
CA ARG C 81 18.94 1.31 38.98
C ARG C 81 20.41 1.27 38.53
N GLU C 82 21.27 0.57 39.28
CA GLU C 82 22.71 0.43 38.99
C GLU C 82 22.94 -0.41 37.74
N ASP C 83 22.28 -1.58 37.65
CA ASP C 83 22.38 -2.45 36.48
C ASP C 83 21.76 -1.82 35.24
N GLN C 84 20.68 -1.04 35.42
CA GLN C 84 20.01 -0.31 34.34
C GLN C 84 20.99 0.66 33.69
N ILE C 85 21.81 1.34 34.51
CA ILE C 85 22.85 2.27 34.04
C ILE C 85 23.96 1.48 33.36
N ALA C 86 24.50 0.43 34.02
CA ALA C 86 25.58 -0.42 33.49
C ALA C 86 25.27 -0.97 32.10
N LEU C 87 24.04 -1.50 31.89
CA LEU C 87 23.59 -2.05 30.62
C LEU C 87 23.49 -0.97 29.54
N LEU C 88 22.80 0.16 29.84
CA LEU C 88 22.64 1.28 28.92
C LEU C 88 23.95 1.92 28.54
N LYS C 89 24.87 2.08 29.51
CA LYS C 89 26.19 2.68 29.32
C LYS C 89 26.99 1.97 28.22
N ALA C 90 27.00 0.62 28.23
CA ALA C 90 27.72 -0.19 27.26
C ALA C 90 26.99 -0.42 25.94
N SER C 91 25.65 -0.47 25.97
CA SER C 91 24.81 -0.72 24.79
C SER C 91 24.57 0.47 23.88
N THR C 92 24.52 1.70 24.44
CA THR C 92 24.23 2.96 23.72
C THR C 92 24.92 3.06 22.36
N ILE C 93 26.26 2.97 22.32
CA ILE C 93 27.02 3.07 21.06
C ILE C 93 26.66 1.92 20.09
N GLU C 94 26.52 0.69 20.61
CA GLU C 94 26.17 -0.49 19.81
C GLU C 94 24.78 -0.32 19.18
N ILE C 95 23.83 0.27 19.94
CA ILE C 95 22.48 0.57 19.43
C ILE C 95 22.58 1.71 18.41
N MET C 96 23.38 2.76 18.71
CA MET C 96 23.60 3.91 17.84
C MET C 96 24.08 3.43 16.47
N LEU C 97 25.10 2.55 16.45
CA LEU C 97 25.69 1.97 15.25
C LEU C 97 24.69 1.13 14.45
N LEU C 98 23.82 0.37 15.14
CA LEU C 98 22.77 -0.44 14.51
C LEU C 98 21.80 0.47 13.76
N GLU C 99 21.38 1.56 14.42
CA GLU C 99 20.47 2.57 13.89
C GLU C 99 21.13 3.36 12.76
N THR C 100 22.46 3.59 12.85
CA THR C 100 23.27 4.28 11.82
C THR C 100 23.25 3.43 10.54
N ALA C 101 23.46 2.10 10.69
CA ALA C 101 23.45 1.11 9.61
C ALA C 101 22.09 1.08 8.91
N ARG C 102 21.01 1.25 9.70
CA ARG C 102 19.63 1.28 9.21
C ARG C 102 19.37 2.54 8.35
N ARG C 103 20.16 3.62 8.55
CA ARG C 103 20.01 4.90 7.84
C ARG C 103 21.00 5.13 6.70
N TYR C 104 21.76 4.09 6.32
CA TYR C 104 22.75 4.17 5.26
C TYR C 104 22.10 3.96 3.88
N ASN C 105 22.37 4.88 2.94
CA ASN C 105 21.88 4.84 1.55
C ASN C 105 23.00 4.28 0.68
N HIS C 106 22.76 3.12 0.05
CA HIS C 106 23.74 2.43 -0.80
C HIS C 106 24.07 3.24 -2.07
N GLU C 107 23.04 3.87 -2.69
CA GLU C 107 23.15 4.66 -3.91
C GLU C 107 24.02 5.92 -3.77
N THR C 108 23.93 6.61 -2.62
CA THR C 108 24.67 7.85 -2.37
C THR C 108 25.88 7.66 -1.43
N GLU C 109 25.97 6.48 -0.75
CA GLU C 109 26.99 6.13 0.23
C GLU C 109 26.98 7.16 1.38
N CYS C 110 25.75 7.51 1.83
CA CYS C 110 25.49 8.51 2.86
C CYS C 110 24.55 8.01 3.96
N ILE C 111 24.81 8.47 5.20
CA ILE C 111 23.99 8.16 6.38
C ILE C 111 23.17 9.41 6.72
N THR C 112 21.84 9.25 6.80
CA THR C 112 20.94 10.37 7.09
C THR C 112 20.43 10.36 8.53
N PHE C 113 20.97 11.26 9.36
CA PHE C 113 20.52 11.43 10.74
C PHE C 113 19.37 12.44 10.75
N LEU C 114 18.37 12.19 11.61
CA LEU C 114 17.13 12.97 11.74
C LEU C 114 16.33 12.99 10.42
N LYS C 115 15.84 14.16 9.96
CA LYS C 115 15.04 14.25 8.75
C LYS C 115 15.84 14.66 7.50
N ASP C 116 16.78 15.63 7.63
CA ASP C 116 17.52 16.15 6.48
C ASP C 116 19.05 16.03 6.55
N PHE C 117 19.65 15.98 7.75
CA PHE C 117 21.11 15.91 7.92
C PHE C 117 21.75 14.63 7.31
N THR C 118 22.22 14.74 6.05
CA THR C 118 22.86 13.67 5.26
C THR C 118 24.39 13.85 5.32
N TYR C 119 25.15 12.78 5.67
CA TYR C 119 26.60 12.88 5.80
C TYR C 119 27.38 11.71 5.17
N SER C 120 28.30 12.03 4.24
CA SER C 120 29.19 11.12 3.52
C SER C 120 30.43 10.82 4.37
N LYS C 121 31.31 9.91 3.91
CA LYS C 121 32.56 9.57 4.62
C LYS C 121 33.40 10.82 4.91
N ASP C 122 33.47 11.75 3.93
CA ASP C 122 34.20 13.01 4.04
C ASP C 122 33.57 13.94 5.10
N ASP C 123 32.22 14.01 5.15
CA ASP C 123 31.47 14.81 6.11
C ASP C 123 31.72 14.37 7.56
N PHE C 124 31.93 13.06 7.78
CA PHE C 124 32.26 12.48 9.07
C PHE C 124 33.65 12.95 9.52
N HIS C 125 34.60 13.10 8.56
CA HIS C 125 35.96 13.58 8.82
C HIS C 125 35.96 15.08 9.15
N ARG C 126 35.08 15.85 8.47
CA ARG C 126 34.90 17.30 8.69
C ARG C 126 34.34 17.55 10.09
N ALA C 127 33.55 16.59 10.63
CA ALA C 127 32.99 16.64 11.98
C ALA C 127 34.08 16.44 13.03
N GLY C 128 35.18 15.81 12.64
CA GLY C 128 36.34 15.56 13.50
C GLY C 128 36.57 14.13 13.90
N LEU C 129 36.23 13.17 13.03
CA LEU C 129 36.41 11.74 13.30
C LEU C 129 37.57 11.15 12.50
N GLN C 130 38.29 10.16 13.08
CA GLN C 130 39.41 9.55 12.37
C GLN C 130 38.93 8.40 11.46
N VAL C 131 39.69 8.14 10.38
CA VAL C 131 39.43 7.14 9.33
C VAL C 131 39.33 5.74 9.93
N GLU C 132 40.14 5.49 10.97
CA GLU C 132 40.17 4.24 11.74
C GLU C 132 38.81 3.88 12.35
N PHE C 133 37.91 4.89 12.50
CA PHE C 133 36.56 4.71 13.02
C PHE C 133 35.48 4.89 11.94
N ILE C 134 35.72 5.74 10.92
CA ILE C 134 34.78 5.99 9.82
C ILE C 134 34.63 4.76 8.92
N ASN C 135 35.75 4.18 8.48
CA ASN C 135 35.76 2.98 7.62
C ASN C 135 34.94 1.83 8.23
N PRO C 136 35.16 1.42 9.52
CA PRO C 136 34.31 0.36 10.11
C PRO C 136 32.82 0.69 10.15
N ILE C 137 32.44 1.98 10.36
CA ILE C 137 31.03 2.42 10.39
C ILE C 137 30.34 2.06 9.06
N PHE C 138 30.91 2.52 7.94
CA PHE C 138 30.41 2.29 6.59
C PHE C 138 30.55 0.83 6.19
N GLU C 139 31.63 0.15 6.64
CA GLU C 139 31.89 -1.27 6.38
C GLU C 139 30.77 -2.11 7.02
N PHE C 140 30.40 -1.78 8.27
CA PHE C 140 29.31 -2.42 9.03
C PHE C 140 27.94 -2.09 8.43
N SER C 141 27.74 -0.81 8.01
CA SER C 141 26.49 -0.32 7.41
C SER C 141 26.15 -1.08 6.13
N ARG C 142 27.18 -1.39 5.31
CA ARG C 142 27.06 -2.14 4.06
C ARG C 142 26.75 -3.61 4.38
N ALA C 143 27.43 -4.15 5.41
CA ALA C 143 27.28 -5.53 5.89
C ALA C 143 25.86 -5.78 6.41
N MET C 144 25.28 -4.79 7.08
CA MET C 144 23.92 -4.86 7.62
C MET C 144 22.84 -4.84 6.54
N ARG C 145 23.07 -4.06 5.46
CA ARG C 145 22.17 -3.94 4.31
C ARG C 145 21.95 -5.30 3.66
N ARG C 146 23.02 -6.13 3.57
CA ARG C 146 23.00 -7.46 2.98
C ARG C 146 22.00 -8.40 3.65
N LEU C 147 21.80 -8.28 4.98
CA LEU C 147 20.87 -9.10 5.74
C LEU C 147 19.42 -8.74 5.41
N GLY C 148 19.14 -7.44 5.32
CA GLY C 148 17.80 -6.94 5.01
C GLY C 148 16.81 -7.24 6.12
N LEU C 149 17.11 -6.74 7.32
CA LEU C 149 16.29 -6.93 8.51
C LEU C 149 15.08 -6.00 8.49
N ASP C 150 13.93 -6.50 8.96
CA ASP C 150 12.73 -5.68 9.06
C ASP C 150 12.73 -4.96 10.43
N ASP C 151 11.69 -4.16 10.72
CA ASP C 151 11.57 -3.42 11.97
C ASP C 151 11.56 -4.32 13.20
N ALA C 152 10.90 -5.52 13.10
CA ALA C 152 10.80 -6.51 14.17
C ALA C 152 12.16 -7.09 14.51
N GLU C 153 12.95 -7.47 13.49
CA GLU C 153 14.29 -8.05 13.67
C GLU C 153 15.29 -7.06 14.24
N TYR C 154 15.17 -5.76 13.85
CA TYR C 154 16.03 -4.70 14.37
C TYR C 154 15.73 -4.49 15.84
N ALA C 155 14.43 -4.37 16.19
CA ALA C 155 13.92 -4.17 17.55
C ALA C 155 14.35 -5.30 18.48
N LEU C 156 14.19 -6.57 18.03
CA LEU C 156 14.57 -7.75 18.80
C LEU C 156 16.08 -7.77 19.05
N LEU C 157 16.90 -7.44 18.02
CA LEU C 157 18.35 -7.38 18.13
C LEU C 157 18.82 -6.37 19.17
N ILE C 158 18.16 -5.20 19.24
CA ILE C 158 18.48 -4.14 20.20
C ILE C 158 18.19 -4.62 21.64
N ALA C 159 17.01 -5.26 21.85
CA ALA C 159 16.62 -5.83 23.14
C ALA C 159 17.65 -6.88 23.61
N ILE C 160 18.12 -7.77 22.70
CA ILE C 160 19.13 -8.79 22.97
C ILE C 160 20.45 -8.10 23.33
N ASN C 161 20.76 -7.01 22.64
CA ASN C 161 21.98 -6.22 22.89
C ASN C 161 21.93 -5.53 24.26
N ILE C 162 20.74 -5.04 24.69
CA ILE C 162 20.55 -4.38 25.98
C ILE C 162 20.83 -5.37 27.13
N PHE C 163 20.16 -6.53 27.10
CA PHE C 163 20.28 -7.56 28.12
C PHE C 163 21.51 -8.47 27.95
N SER C 164 22.71 -7.87 27.93
CA SER C 164 23.97 -8.61 27.84
C SER C 164 24.56 -8.75 29.25
N ALA C 165 24.62 -9.99 29.77
CA ALA C 165 25.09 -10.27 31.13
C ALA C 165 26.59 -10.04 31.35
N ASP C 166 27.39 -10.03 30.26
CA ASP C 166 28.83 -9.87 30.33
C ASP C 166 29.32 -8.40 30.33
N ARG C 167 28.40 -7.43 30.48
CA ARG C 167 28.77 -6.00 30.51
C ARG C 167 29.52 -5.65 31.81
N PRO C 168 30.42 -4.65 31.83
CA PRO C 168 31.11 -4.30 33.09
C PRO C 168 30.17 -3.68 34.12
N ASN C 169 30.48 -3.87 35.42
CA ASN C 169 29.75 -3.35 36.59
C ASN C 169 28.30 -3.90 36.73
N VAL C 170 28.03 -5.10 36.18
CA VAL C 170 26.70 -5.71 36.28
C VAL C 170 26.65 -6.53 37.57
N GLN C 171 25.89 -6.04 38.55
CA GLN C 171 25.71 -6.65 39.86
C GLN C 171 24.95 -7.97 39.82
N GLU C 172 23.91 -8.07 38.96
CA GLU C 172 23.09 -9.29 38.86
C GLU C 172 23.11 -9.86 37.42
N PRO C 173 24.21 -10.53 36.99
CA PRO C 173 24.24 -11.08 35.62
C PRO C 173 23.22 -12.19 35.35
N GLY C 174 22.80 -12.89 36.39
CA GLY C 174 21.81 -13.97 36.28
C GLY C 174 20.45 -13.47 35.85
N ARG C 175 20.04 -12.32 36.42
CA ARG C 175 18.78 -11.65 36.11
C ARG C 175 18.79 -11.19 34.65
N VAL C 176 19.91 -10.56 34.24
CA VAL C 176 20.15 -10.04 32.90
C VAL C 176 20.06 -11.17 31.85
N GLU C 177 20.77 -12.31 32.10
CA GLU C 177 20.78 -13.48 31.22
C GLU C 177 19.37 -14.08 31.09
N ALA C 178 18.60 -14.08 32.18
CA ALA C 178 17.24 -14.61 32.22
C ALA C 178 16.27 -13.73 31.39
N LEU C 179 16.51 -12.40 31.37
CA LEU C 179 15.68 -11.44 30.63
C LEU C 179 15.97 -11.45 29.12
N GLN C 180 17.20 -11.83 28.73
CA GLN C 180 17.62 -11.90 27.34
C GLN C 180 16.96 -13.10 26.64
N GLN C 181 16.85 -14.24 27.36
CA GLN C 181 16.29 -15.52 26.90
C GLN C 181 14.95 -15.40 26.11
N PRO C 182 13.87 -14.72 26.61
CA PRO C 182 12.63 -14.65 25.81
C PRO C 182 12.78 -13.93 24.47
N TYR C 183 13.66 -12.91 24.41
CA TYR C 183 13.94 -12.14 23.20
C TYR C 183 14.69 -12.95 22.17
N VAL C 184 15.67 -13.77 22.62
CA VAL C 184 16.45 -14.66 21.75
C VAL C 184 15.49 -15.73 21.19
N GLU C 185 14.60 -16.26 22.05
CA GLU C 185 13.58 -17.25 21.67
C GLU C 185 12.63 -16.66 20.61
N ALA C 186 12.26 -15.36 20.78
CA ALA C 186 11.37 -14.64 19.88
C ALA C 186 12.00 -14.43 18.51
N LEU C 187 13.26 -13.94 18.48
CA LEU C 187 13.98 -13.73 17.22
C LEU C 187 14.18 -15.04 16.48
N LEU C 188 14.55 -16.12 17.19
CA LEU C 188 14.74 -17.45 16.61
C LEU C 188 13.42 -17.96 15.99
N SER C 189 12.28 -17.75 16.65
CA SER C 189 10.97 -18.16 16.14
C SER C 189 10.53 -17.30 14.95
N TYR C 190 10.71 -15.96 15.03
CA TYR C 190 10.37 -15.01 13.95
C TYR C 190 11.15 -15.35 12.67
N THR C 191 12.45 -15.66 12.80
CA THR C 191 13.38 -16.05 11.74
C THR C 191 12.90 -17.31 11.01
N ARG C 192 12.51 -18.35 11.77
CA ARG C 192 12.01 -19.62 11.24
C ARG C 192 10.71 -19.43 10.48
N ILE C 193 9.88 -18.48 10.91
CA ILE C 193 8.60 -18.17 10.25
C ILE C 193 8.83 -17.34 8.98
N LYS C 194 9.57 -16.20 9.09
CA LYS C 194 9.87 -15.29 7.98
C LYS C 194 10.57 -16.02 6.83
N ARG C 195 11.79 -16.53 7.05
CA ARG C 195 12.53 -17.25 6.02
C ARG C 195 12.86 -18.69 6.46
N PRO C 196 11.92 -19.65 6.28
CA PRO C 196 12.17 -21.03 6.70
C PRO C 196 13.28 -21.76 5.95
N GLN C 197 13.56 -21.35 4.70
CA GLN C 197 14.59 -21.94 3.85
C GLN C 197 16.01 -21.54 4.32
N ASP C 198 16.17 -20.30 4.84
CA ASP C 198 17.46 -19.79 5.33
C ASP C 198 17.64 -20.05 6.83
N GLN C 199 18.37 -21.13 7.15
CA GLN C 199 18.65 -21.56 8.52
C GLN C 199 19.70 -20.66 9.17
N LEU C 200 20.62 -20.12 8.35
CA LEU C 200 21.73 -19.29 8.82
C LEU C 200 21.40 -17.80 9.01
N ARG C 201 20.12 -17.41 8.84
CA ARG C 201 19.70 -16.03 9.02
C ARG C 201 19.89 -15.57 10.47
N PHE C 202 19.45 -16.41 11.44
CA PHE C 202 19.57 -16.16 12.88
C PHE C 202 21.04 -16.07 13.34
N PRO C 203 21.94 -17.09 13.13
CA PRO C 203 23.34 -16.93 13.56
C PRO C 203 24.04 -15.70 12.99
N ARG C 204 23.71 -15.31 11.72
CA ARG C 204 24.29 -14.14 11.07
C ARG C 204 23.94 -12.84 11.79
N MET C 205 22.72 -12.76 12.36
CA MET C 205 22.27 -11.60 13.14
C MET C 205 23.04 -11.51 14.45
N LEU C 206 23.34 -12.67 15.07
CA LEU C 206 24.09 -12.73 16.32
C LEU C 206 25.58 -12.44 16.07
N MET C 207 26.08 -12.73 14.85
CA MET C 207 27.46 -12.44 14.45
C MET C 207 27.67 -10.92 14.42
N LYS C 208 26.57 -10.16 14.21
CA LYS C 208 26.59 -8.70 14.18
C LYS C 208 26.82 -8.13 15.57
N LEU C 209 26.37 -8.85 16.62
CA LEU C 209 26.61 -8.46 18.01
C LEU C 209 28.09 -8.63 18.33
N VAL C 210 28.75 -9.62 17.69
CA VAL C 210 30.19 -9.88 17.81
C VAL C 210 30.92 -8.66 17.24
N SER C 211 30.54 -8.23 16.01
CA SER C 211 31.12 -7.08 15.31
C SER C 211 30.95 -5.77 16.08
N LEU C 212 29.78 -5.57 16.72
CA LEU C 212 29.47 -4.37 17.50
C LEU C 212 30.39 -4.16 18.69
N ARG C 213 30.91 -5.25 19.27
CA ARG C 213 31.84 -5.21 20.39
C ARG C 213 33.20 -4.65 19.97
N THR C 214 33.68 -5.04 18.77
CA THR C 214 34.93 -4.56 18.19
C THR C 214 34.77 -3.08 17.89
N LEU C 215 33.61 -2.70 17.30
CA LEU C 215 33.23 -1.34 16.96
C LEU C 215 33.12 -0.45 18.19
N SER C 216 32.75 -1.04 19.35
CA SER C 216 32.64 -0.33 20.62
C SER C 216 34.04 0.04 21.12
N SER C 217 35.02 -0.87 20.90
CA SER C 217 36.43 -0.68 21.27
C SER C 217 37.06 0.38 20.37
N VAL C 218 36.68 0.38 19.07
CA VAL C 218 37.15 1.34 18.07
C VAL C 218 36.64 2.73 18.46
N HIS C 219 35.38 2.80 18.93
CA HIS C 219 34.74 4.04 19.38
C HIS C 219 35.43 4.56 20.64
N SER C 220 35.91 3.66 21.53
CA SER C 220 36.64 4.02 22.75
C SER C 220 37.99 4.64 22.37
N GLU C 221 38.63 4.09 21.32
CA GLU C 221 39.90 4.58 20.78
C GLU C 221 39.72 5.96 20.15
N GLN C 222 38.53 6.21 19.55
CA GLN C 222 38.15 7.47 18.94
C GLN C 222 38.00 8.57 20.01
N VAL C 223 37.37 8.23 21.15
CA VAL C 223 37.17 9.14 22.28
C VAL C 223 38.51 9.51 22.92
N PHE C 224 39.40 8.49 23.10
CA PHE C 224 40.75 8.67 23.66
C PHE C 224 41.58 9.58 22.75
N ALA C 225 41.36 9.51 21.42
CA ALA C 225 42.04 10.33 20.41
C ALA C 225 41.60 11.80 20.50
N LEU C 226 40.34 12.05 20.90
CA LEU C 226 39.78 13.40 21.05
C LEU C 226 40.39 14.14 22.25
N ARG C 227 40.75 13.41 23.33
CA ARG C 227 41.40 13.98 24.51
C ARG C 227 42.77 14.53 24.11
N LEU C 228 43.51 13.74 23.28
CA LEU C 228 44.83 14.09 22.75
C LEU C 228 44.73 15.21 21.69
N GLN C 229 43.53 15.41 21.14
CA GLN C 229 43.22 16.44 20.13
C GLN C 229 42.64 17.70 20.83
N ASP C 230 42.56 17.68 22.18
CA ASP C 230 42.05 18.68 23.14
C ASP C 230 40.51 18.93 23.00
N LYS C 231 39.83 18.17 22.12
CA LYS C 231 38.38 18.27 21.88
C LYS C 231 37.64 17.60 23.04
N LYS C 232 36.92 18.41 23.83
CA LYS C 232 36.17 17.94 25.00
C LYS C 232 34.73 17.58 24.64
N LEU C 233 34.19 16.55 25.32
CA LEU C 233 32.83 16.07 25.10
C LEU C 233 31.81 16.79 26.00
N PRO C 234 30.55 16.98 25.54
CA PRO C 234 29.53 17.60 26.41
C PRO C 234 29.29 16.81 27.69
N PRO C 235 28.86 17.46 28.80
CA PRO C 235 28.66 16.73 30.07
C PRO C 235 27.90 15.40 30.01
N LEU C 236 26.86 15.31 29.16
CA LEU C 236 26.05 14.10 28.99
C LEU C 236 26.87 12.95 28.40
N LEU C 237 27.53 13.18 27.25
CA LEU C 237 28.34 12.18 26.55
C LEU C 237 29.59 11.78 27.34
N SER C 238 30.13 12.71 28.16
CA SER C 238 31.30 12.49 29.01
C SER C 238 31.03 11.44 30.10
N GLU C 239 29.80 11.45 30.66
CA GLU C 239 29.36 10.50 31.70
C GLU C 239 29.36 9.05 31.20
N ILE C 240 28.99 8.84 29.92
CA ILE C 240 28.89 7.52 29.28
C ILE C 240 30.20 7.07 28.64
N TRP C 241 30.93 7.97 27.96
CA TRP C 241 32.13 7.59 27.22
C TRP C 241 33.47 8.15 27.74
N ASP C 242 33.77 8.00 29.04
CA ASP C 242 35.08 8.44 29.56
C ASP C 242 35.65 7.48 30.61
N VAL C 243 36.98 7.45 30.72
CA VAL C 243 37.75 6.59 31.63
C VAL C 243 38.42 7.47 32.69
C1 KVK D . -1.67 -18.62 -12.33
C2 KVK D . -2.26 -17.41 -12.56
C7 KVK D . -5.07 -20.09 -11.31
C8 KVK D . -5.31 -21.31 -12.21
C9 KVK D . -5.00 -20.48 -9.84
C12 KVK D . -1.77 -16.11 -13.05
C13 KVK D . -1.83 -14.98 -12.21
C14 KVK D . -1.41 -13.74 -12.69
C15 KVK D . -0.98 -13.61 -14.00
C16 KVK D . -0.96 -14.71 -14.85
N18 KVK D . -0.33 -19.01 -12.53
C19 KVK D . 0.80 -18.18 -12.96
C20 KVK D . 1.33 -17.49 -11.72
C21 KVK D . 2.13 -16.26 -12.11
C22 KVK D . 3.42 -16.30 -11.30
C24 KVK D . 3.45 -13.76 -11.39
C27 KVK D . 6.15 -13.85 -11.02
S3 KVK D . -3.95 -17.71 -12.10
N4 KVK D . -3.90 -19.32 -11.73
C5 KVK D . -2.59 -19.66 -11.87
O6 KVK D . -2.18 -20.79 -11.69
O10 KVK D . -4.18 -17.01 -10.89
O11 KVK D . -4.75 -17.58 -13.27
C17 KVK D . -1.38 -15.95 -14.40
C23 KVK D . 4.13 -14.97 -11.27
C25 KVK D . 4.16 -12.56 -11.34
C26 KVK D . 5.54 -12.61 -11.15
N28 KVK D . 5.45 -14.97 -11.08
S29 KVK D . 7.89 -13.97 -10.76
N30 KVK D . 8.10 -15.29 -9.79
O31 KVK D . 8.45 -14.31 -12.02
O32 KVK D . 8.28 -12.82 -10.02
C1 KVK E . -31.91 -0.32 -6.46
C2 KVK E . -30.57 -0.37 -6.25
C7 KVK E . -31.99 -3.94 -7.76
C8 KVK E . -32.58 -3.82 -9.17
C9 KVK E . -30.77 -4.86 -7.85
C12 KVK E . -29.60 0.57 -5.67
C13 KVK E . -28.67 1.23 -6.48
C14 KVK E . -27.74 2.11 -5.91
C15 KVK E . -27.71 2.29 -4.53
C16 KVK E . -28.61 1.60 -3.71
N18 KVK E . -32.78 0.78 -6.22
C19 KVK E . -32.51 1.99 -5.45
C20 KVK E . -32.68 3.19 -6.36
C21 KVK E . -31.47 4.11 -6.24
C22 KVK E . -31.43 5.04 -7.45
C24 KVK E . -29.50 6.51 -6.75
C27 KVK E . -31.15 8.67 -7.04
S3 KVK E . -30.16 -2.01 -6.79
N4 KVK E . -31.66 -2.59 -7.22
C5 KVK E . -32.48 -1.54 -7.01
O6 KVK E . -33.69 -1.61 -7.20
O10 KVK E . -29.43 -1.87 -8.00
O11 KVK E . -29.68 -2.70 -5.65
C17 KVK E . -29.53 0.73 -4.27
C23 KVK E . -30.83 6.38 -7.13
C25 KVK E . -29.00 7.78 -6.47
C26 KVK E . -29.84 8.89 -6.61
N28 KVK E . -31.60 7.45 -7.28
S29 KVK E . -32.27 10.01 -7.22
N30 KVK E . -33.32 9.60 -8.44
O31 KVK E . -33.02 10.02 -6.02
O32 KVK E . -31.53 11.14 -7.66
C1 KVK F . 28.78 10.76 16.79
C2 KVK F . 29.26 9.48 16.71
C7 KVK F . 31.55 11.77 19.27
C8 KVK F . 30.82 12.26 20.53
C9 KVK F . 32.70 10.88 19.73
C12 KVK F . 28.76 8.35 15.92
C13 KVK F . 28.13 7.27 16.55
C14 KVK F . 27.63 6.22 15.77
C15 KVK F . 27.75 6.26 14.39
C16 KVK F . 28.36 7.34 13.76
N18 KVK F . 27.65 11.20 16.09
C19 KVK F . 26.39 10.49 16.30
C20 KVK F . 25.15 11.24 15.81
C21 KVK F . 23.87 10.53 16.26
C22 KVK F . 23.86 9.08 15.78
C24 KVK F . 22.49 7.14 15.18
C27 KVK F . 20.24 8.68 14.98
S3 KVK F . 30.64 9.51 17.82
N4 KVK F . 30.61 11.11 18.33
C5 KVK F . 29.54 11.63 17.68
O6 KVK F . 29.22 12.80 17.79
O10 KVK F . 30.25 8.72 18.93
O11 KVK F . 31.80 9.28 17.03
C17 KVK F . 28.87 8.39 14.52
C23 KVK F . 22.52 8.50 15.42
C25 KVK F . 21.29 6.53 14.82
C26 KVK F . 20.14 7.32 14.72
N28 KVK F . 21.41 9.23 15.30
S29 KVK F . 18.81 9.68 14.84
N30 KVK F . 18.75 10.65 16.19
O31 KVK F . 19.06 10.55 13.75
O32 KVK F . 17.66 8.84 14.92
#